data_7D79
#
_entry.id   7D79
#
_cell.length_a   47.263
_cell.length_b   59.011
_cell.length_c   113.990
_cell.angle_alpha   84.846
_cell.angle_beta   78.552
_cell.angle_gamma   84.008
#
_symmetry.space_group_name_H-M   'P 1'
#
loop_
_entity.id
_entity.type
_entity.pdbx_description
1 polymer 'DltD domain-containing protein'
2 non-polymer 'CHLORIDE ION'
3 non-polymer 1,2-ETHANEDIOL
4 non-polymer 'methyl 3-[(E,3R,9R)-3,9-bis(oxidanyl)dec-4-enoyl]sulfanylpropanoate'
5 non-polymer GLYCEROL
6 non-polymer 'methyl 3-sulfanylpropanoate'
7 non-polymer 'SODIUM ION'
8 water water
#
_entity_poly.entity_id   1
_entity_poly.type   'polypeptide(L)'
_entity_poly.pdbx_seq_one_letter_code
;MGSSHHHHHHSSGLVPRGSHMAPLSSFQVVECKTIDGIIIRGRFYAVDGKGPAIIMTPGFNCVKEMLLPDIAETFQSQGF
NTYIYDPRSIGDSDGSPKNLIDPLQQAEDLADIVTHISSLPSVDSSKITLWGMSFGGTVSACAAAVDRRVKALVMVCPIL
SFYQAEKRDKAFLQLIRDRQSQLRGNEPFMLPPFNSKGENPIGMAGSGGPGGIEAYGFMGAVIDRGAPNFRNKIALQTYQ
KLAWWQPKEILKLVDKTPVLMVTPELDTMSPPEEQKAAFELFPQTKKFLEAKGKGHLTVLSGEGSVEVVDAMTEFIRENV
AG
;
_entity_poly.pdbx_strand_id   D,A,B,C
#
loop_
_chem_comp.id
_chem_comp.type
_chem_comp.name
_chem_comp.formula
CL non-polymer 'CHLORIDE ION' 'Cl -1'
EDO non-polymer 1,2-ETHANEDIOL 'C2 H6 O2'
GOL non-polymer GLYCEROL 'C3 H8 O3'
GY0 non-polymer 'methyl 3-[(E,3R,9R)-3,9-bis(oxidanyl)dec-4-enoyl]sulfanylpropanoate' 'C14 H24 O5 S'
GYF non-polymer 'methyl 3-sulfanylpropanoate' 'C4 H8 O2 S'
NA non-polymer 'SODIUM ION' 'Na 1'
#
# COMPACT_ATOMS: atom_id res chain seq x y z
N SER A 26 -16.25 3.37 -21.73
CA SER A 26 -14.95 3.70 -22.28
C SER A 26 -13.82 3.09 -21.44
N PHE A 27 -12.88 2.43 -22.11
CA PHE A 27 -11.77 1.76 -21.43
C PHE A 27 -10.49 2.01 -22.19
N GLN A 28 -9.38 1.85 -21.48
CA GLN A 28 -8.04 1.93 -22.08
C GLN A 28 -7.30 0.62 -21.83
N VAL A 29 -6.36 0.32 -22.72
CA VAL A 29 -5.51 -0.85 -22.55
C VAL A 29 -4.43 -0.52 -21.52
N VAL A 30 -4.31 -1.36 -20.50
CA VAL A 30 -3.32 -1.19 -19.46
C VAL A 30 -2.54 -2.48 -19.32
N GLU A 31 -1.21 -2.38 -19.35
CA GLU A 31 -0.33 -3.53 -19.26
C GLU A 31 0.34 -3.58 -17.89
N CYS A 32 0.45 -4.78 -17.33
CA CYS A 32 1.11 -5.01 -16.05
C CYS A 32 2.29 -5.94 -16.26
N LYS A 33 3.44 -5.60 -15.68
CA LYS A 33 4.63 -6.42 -15.73
C LYS A 33 4.67 -7.38 -14.54
N THR A 34 5.06 -8.62 -14.80
CA THR A 34 5.31 -9.58 -13.74
C THR A 34 6.79 -9.53 -13.35
N ILE A 35 7.12 -10.17 -12.22
CA ILE A 35 8.50 -10.15 -11.75
C ILE A 35 9.44 -10.89 -12.68
N ASP A 36 8.93 -11.82 -13.49
CA ASP A 36 9.76 -12.54 -14.44
C ASP A 36 9.70 -11.95 -15.85
N GLY A 37 9.18 -10.73 -15.99
CA GLY A 37 9.23 -10.01 -17.24
C GLY A 37 8.12 -10.28 -18.23
N ILE A 38 6.98 -10.78 -17.77
CA ILE A 38 5.85 -11.10 -18.63
C ILE A 38 4.86 -9.93 -18.60
N ILE A 39 4.27 -9.62 -19.75
CA ILE A 39 3.31 -8.53 -19.87
C ILE A 39 1.90 -9.11 -19.80
N ILE A 40 1.15 -8.71 -18.77
CA ILE A 40 -0.28 -8.99 -18.69
C ILE A 40 -1.03 -7.82 -19.33
N ARG A 41 -1.90 -8.13 -20.28
CA ARG A 41 -2.65 -7.11 -21.02
C ARG A 41 -4.13 -7.23 -20.71
N GLY A 42 -4.78 -6.08 -20.50
CA GLY A 42 -6.18 -6.09 -20.17
C GLY A 42 -6.82 -4.72 -20.33
N ARG A 43 -8.12 -4.68 -20.05
CA ARG A 43 -8.92 -3.45 -20.15
C ARG A 43 -9.00 -2.77 -18.79
N PHE A 44 -8.82 -1.46 -18.78
CA PHE A 44 -8.92 -0.65 -17.56
C PHE A 44 -10.03 0.37 -17.74
N TYR A 45 -11.12 0.20 -17.00
CA TYR A 45 -12.24 1.15 -16.99
C TYR A 45 -11.99 2.13 -15.85
N ALA A 46 -11.55 3.34 -16.19
CA ALA A 46 -11.19 4.33 -15.19
C ALA A 46 -12.41 5.15 -14.76
N VAL A 47 -12.31 5.74 -13.58
CA VAL A 47 -13.31 6.67 -13.08
C VAL A 47 -12.64 8.01 -12.83
N ASP A 48 -13.46 9.04 -12.68
CA ASP A 48 -12.95 10.38 -12.42
C ASP A 48 -12.45 10.49 -10.99
N GLY A 49 -11.39 11.29 -10.80
CA GLY A 49 -10.82 11.47 -9.48
C GLY A 49 -10.06 10.23 -9.03
N LYS A 50 -9.97 10.07 -7.71
CA LYS A 50 -9.30 8.93 -7.10
C LYS A 50 -10.34 8.06 -6.41
N GLY A 51 -10.48 6.82 -6.86
CA GLY A 51 -11.48 5.93 -6.33
C GLY A 51 -11.00 4.50 -6.19
N PRO A 52 -11.85 3.63 -5.65
CA PRO A 52 -11.47 2.23 -5.45
C PRO A 52 -11.32 1.50 -6.78
N ALA A 53 -10.76 0.29 -6.69
CA ALA A 53 -10.45 -0.50 -7.88
C ALA A 53 -10.85 -1.95 -7.69
N ILE A 54 -11.40 -2.54 -8.74
CA ILE A 54 -11.76 -3.95 -8.78
C ILE A 54 -10.97 -4.61 -9.89
N ILE A 55 -10.29 -5.72 -9.58
CA ILE A 55 -9.49 -6.48 -10.53
C ILE A 55 -10.21 -7.79 -10.79
N MET A 56 -10.58 -8.03 -12.05
CA MET A 56 -11.43 -9.15 -12.42
C MET A 56 -10.62 -10.21 -13.17
N THR A 57 -10.68 -11.45 -12.69
CA THR A 57 -10.00 -12.58 -13.30
C THR A 57 -11.02 -13.50 -13.96
N PRO A 58 -10.83 -13.87 -15.22
CA PRO A 58 -11.80 -14.70 -15.93
C PRO A 58 -11.68 -16.16 -15.49
N GLY A 59 -12.56 -16.99 -16.06
CA GLY A 59 -12.58 -18.40 -15.77
C GLY A 59 -11.49 -19.16 -16.51
N PHE A 60 -11.58 -20.48 -16.42
CA PHE A 60 -10.61 -21.41 -17.00
C PHE A 60 -10.41 -21.18 -18.49
N ASN A 61 -9.22 -20.70 -18.87
CA ASN A 61 -8.81 -20.46 -20.26
C ASN A 61 -9.66 -19.40 -20.95
N CYS A 62 -10.42 -18.61 -20.20
CA CYS A 62 -11.26 -17.59 -20.81
C CYS A 62 -10.53 -16.27 -20.91
N VAL A 63 -11.05 -15.39 -21.75
CA VAL A 63 -10.42 -14.10 -22.03
C VAL A 63 -11.29 -12.99 -21.44
N LYS A 64 -10.68 -11.80 -21.34
CA LYS A 64 -11.34 -10.67 -20.70
C LYS A 64 -12.60 -10.22 -21.42
N GLU A 65 -12.73 -10.53 -22.71
CA GLU A 65 -13.86 -10.04 -23.49
C GLU A 65 -15.14 -10.82 -23.24
N MET A 66 -15.06 -12.01 -22.64
CA MET A 66 -16.23 -12.86 -22.46
C MET A 66 -17.00 -12.41 -21.21
N LEU A 67 -18.19 -11.85 -21.43
CA LEU A 67 -19.16 -11.50 -20.38
C LEU A 67 -18.69 -10.37 -19.47
N LEU A 68 -17.44 -10.43 -19.02
CA LEU A 68 -16.97 -9.49 -18.01
C LEU A 68 -17.04 -8.01 -18.39
N PRO A 69 -16.89 -7.60 -19.66
CA PRO A 69 -17.05 -6.16 -19.96
C PRO A 69 -18.40 -5.60 -19.57
N ASP A 70 -19.47 -6.40 -19.60
CA ASP A 70 -20.77 -5.92 -19.15
C ASP A 70 -20.74 -5.58 -17.67
N ILE A 71 -20.10 -6.42 -16.86
CA ILE A 71 -20.01 -6.17 -15.42
C ILE A 71 -19.11 -4.97 -15.15
N ALA A 72 -18.03 -4.82 -15.93
CA ALA A 72 -17.09 -3.73 -15.69
C ALA A 72 -17.72 -2.38 -15.95
N GLU A 73 -18.56 -2.27 -16.99
CA GLU A 73 -19.23 -1.01 -17.26
C GLU A 73 -20.13 -0.61 -16.10
N THR A 74 -20.80 -1.58 -15.47
CA THR A 74 -21.60 -1.29 -14.30
C THR A 74 -20.73 -0.88 -13.11
N PHE A 75 -19.66 -1.64 -12.87
CA PHE A 75 -18.71 -1.27 -11.81
C PHE A 75 -18.18 0.14 -12.03
N GLN A 76 -17.89 0.49 -13.29
CA GLN A 76 -17.34 1.81 -13.59
C GLN A 76 -18.38 2.90 -13.36
N SER A 77 -19.63 2.65 -13.77
CA SER A 77 -20.67 3.66 -13.59
C SER A 77 -20.95 3.93 -12.12
N GLN A 78 -20.71 2.94 -11.27
CA GLN A 78 -20.90 3.10 -9.83
C GLN A 78 -19.65 3.56 -9.12
N GLY A 79 -18.63 4.00 -9.85
CA GLY A 79 -17.48 4.66 -9.27
C GLY A 79 -16.27 3.79 -9.02
N PHE A 80 -16.21 2.59 -9.59
CA PHE A 80 -15.10 1.66 -9.36
C PHE A 80 -14.22 1.62 -10.60
N ASN A 81 -12.93 1.91 -10.42
CA ASN A 81 -11.95 1.56 -11.43
C ASN A 81 -11.95 0.04 -11.60
N THR A 82 -12.06 -0.43 -12.84
CA THR A 82 -12.19 -1.86 -13.09
C THR A 82 -11.16 -2.31 -14.11
N TYR A 83 -10.45 -3.39 -13.79
CA TYR A 83 -9.41 -3.95 -14.66
C TYR A 83 -9.77 -5.40 -14.95
N ILE A 84 -10.07 -5.69 -16.23
CA ILE A 84 -10.22 -7.06 -16.71
C ILE A 84 -8.99 -7.37 -17.54
N TYR A 85 -8.41 -8.56 -17.33
CA TYR A 85 -7.15 -8.91 -17.96
C TYR A 85 -7.20 -10.36 -18.43
N ASP A 86 -6.35 -10.65 -19.40
CA ASP A 86 -6.11 -12.03 -19.83
C ASP A 86 -4.97 -12.61 -18.99
N PRO A 87 -5.18 -13.72 -18.30
CA PRO A 87 -4.08 -14.30 -17.50
C PRO A 87 -2.94 -14.78 -18.38
N ARG A 88 -1.81 -15.04 -17.73
CA ARG A 88 -0.58 -15.45 -18.40
C ARG A 88 -0.84 -16.57 -19.41
N SER A 89 -0.22 -16.42 -20.59
CA SER A 89 -0.27 -17.34 -21.72
C SER A 89 -1.64 -17.41 -22.39
N ILE A 90 -2.60 -16.58 -21.98
CA ILE A 90 -3.96 -16.61 -22.51
C ILE A 90 -4.24 -15.29 -23.21
N GLY A 91 -4.88 -15.37 -24.38
CA GLY A 91 -5.37 -14.16 -25.03
C GLY A 91 -4.25 -13.24 -25.46
N ASP A 92 -4.37 -11.96 -25.11
CA ASP A 92 -3.41 -10.94 -25.50
C ASP A 92 -2.17 -10.90 -24.62
N SER A 93 -2.14 -11.67 -23.54
CA SER A 93 -1.03 -11.58 -22.59
C SER A 93 0.10 -12.53 -22.97
N ASP A 94 1.30 -12.18 -22.50
CA ASP A 94 2.48 -12.99 -22.74
C ASP A 94 2.39 -14.30 -21.95
N GLY A 95 3.34 -15.19 -22.22
CA GLY A 95 3.40 -16.45 -21.50
C GLY A 95 3.60 -17.64 -22.42
N SER A 96 4.60 -18.47 -22.11
CA SER A 96 4.91 -19.65 -22.90
C SER A 96 5.17 -20.82 -21.96
N PRO A 97 4.68 -22.02 -22.29
CA PRO A 97 3.88 -22.32 -23.49
C PRO A 97 2.47 -21.76 -23.44
N LYS A 98 1.83 -21.67 -24.60
CA LYS A 98 0.53 -21.01 -24.71
C LYS A 98 -0.56 -21.82 -24.00
N ASN A 99 -1.44 -21.11 -23.31
CA ASN A 99 -2.62 -21.69 -22.67
C ASN A 99 -2.26 -22.79 -21.67
N LEU A 100 -1.09 -22.65 -21.04
CA LEU A 100 -0.71 -23.52 -19.93
C LEU A 100 -1.21 -22.86 -18.65
N ILE A 101 -2.29 -23.38 -18.10
CA ILE A 101 -2.98 -22.74 -16.98
C ILE A 101 -2.37 -23.24 -15.68
N ASP A 102 -1.57 -22.39 -15.04
CA ASP A 102 -0.99 -22.66 -13.74
C ASP A 102 -1.69 -21.76 -12.72
N PRO A 103 -2.63 -22.29 -11.94
CA PRO A 103 -3.41 -21.41 -11.04
C PRO A 103 -2.54 -20.72 -10.00
N LEU A 104 -1.53 -21.42 -9.47
CA LEU A 104 -0.63 -20.78 -8.50
C LEU A 104 0.15 -19.65 -9.14
N GLN A 105 0.50 -19.78 -10.43
CA GLN A 105 1.19 -18.69 -11.10
C GLN A 105 0.25 -17.52 -11.36
N GLN A 106 -1.01 -17.81 -11.72
CA GLN A 106 -1.99 -16.74 -11.86
C GLN A 106 -2.20 -15.99 -10.55
N ALA A 107 -2.23 -16.73 -9.43
CA ALA A 107 -2.36 -16.09 -8.13
C ALA A 107 -1.19 -15.16 -7.85
N GLU A 108 0.03 -15.60 -8.17
CA GLU A 108 1.20 -14.75 -7.97
C GLU A 108 1.18 -13.55 -8.91
N ASP A 109 0.80 -13.76 -10.18
CA ASP A 109 0.68 -12.64 -11.11
C ASP A 109 -0.28 -11.58 -10.60
N LEU A 110 -1.31 -12.00 -9.86
CA LEU A 110 -2.26 -11.04 -9.31
C LEU A 110 -1.60 -10.09 -8.32
N ALA A 111 -0.56 -10.55 -7.63
CA ALA A 111 0.21 -9.65 -6.76
C ALA A 111 0.90 -8.57 -7.58
N ASP A 112 1.44 -8.94 -8.75
CA ASP A 112 2.06 -7.94 -9.61
C ASP A 112 1.02 -7.05 -10.28
N ILE A 113 -0.14 -7.60 -10.61
CA ILE A 113 -1.22 -6.79 -11.18
C ILE A 113 -1.70 -5.76 -10.15
N VAL A 114 -1.90 -6.20 -8.90
CA VAL A 114 -2.30 -5.29 -7.84
C VAL A 114 -1.29 -4.15 -7.71
N THR A 115 0.00 -4.45 -7.84
CA THR A 115 1.02 -3.43 -7.71
C THR A 115 0.86 -2.33 -8.76
N HIS A 116 0.68 -2.72 -10.02
CA HIS A 116 0.60 -1.73 -11.08
C HIS A 116 -0.71 -0.96 -11.03
N ILE A 117 -1.83 -1.66 -10.77
CA ILE A 117 -3.13 -0.99 -10.73
C ILE A 117 -3.16 0.01 -9.57
N SER A 118 -2.59 -0.38 -8.42
CA SER A 118 -2.56 0.53 -7.27
C SER A 118 -1.75 1.79 -7.54
N SER A 119 -0.83 1.75 -8.49
CA SER A 119 -0.01 2.91 -8.82
C SER A 119 -0.69 3.87 -9.79
N LEU A 120 -1.81 3.47 -10.39
CA LEU A 120 -2.48 4.32 -11.36
C LEU A 120 -3.04 5.57 -10.68
N PRO A 121 -3.06 6.71 -11.37
CA PRO A 121 -3.43 7.97 -10.70
C PRO A 121 -4.86 8.00 -10.19
N SER A 122 -5.79 7.39 -10.93
CA SER A 122 -7.20 7.42 -10.55
C SER A 122 -7.56 6.32 -9.56
N VAL A 123 -6.59 5.61 -9.00
CA VAL A 123 -6.84 4.45 -8.15
C VAL A 123 -6.42 4.78 -6.73
N ASP A 124 -7.33 4.56 -5.78
CA ASP A 124 -7.01 4.61 -4.36
C ASP A 124 -6.43 3.26 -3.96
N SER A 125 -5.11 3.22 -3.71
CA SER A 125 -4.43 1.96 -3.43
C SER A 125 -4.89 1.30 -2.13
N SER A 126 -5.59 2.02 -1.27
CA SER A 126 -6.12 1.44 -0.04
C SER A 126 -7.45 0.73 -0.23
N LYS A 127 -7.99 0.71 -1.45
CA LYS A 127 -9.32 0.18 -1.71
C LYS A 127 -9.29 -0.75 -2.92
N ILE A 128 -8.49 -1.81 -2.81
CA ILE A 128 -8.33 -2.80 -3.88
C ILE A 128 -9.20 -4.02 -3.56
N THR A 129 -9.96 -4.47 -4.55
CA THR A 129 -10.79 -5.66 -4.43
C THR A 129 -10.43 -6.64 -5.53
N LEU A 130 -10.35 -7.93 -5.18
CA LEU A 130 -10.10 -8.99 -6.15
C LEU A 130 -11.41 -9.69 -6.47
N TRP A 131 -11.78 -9.70 -7.75
CA TRP A 131 -13.03 -10.27 -8.24
C TRP A 131 -12.69 -11.41 -9.19
N GLY A 132 -13.31 -12.56 -8.97
CA GLY A 132 -13.02 -13.70 -9.82
C GLY A 132 -14.23 -14.56 -10.09
N MET A 133 -14.35 -15.04 -11.33
CA MET A 133 -15.44 -15.92 -11.73
C MET A 133 -14.91 -17.31 -12.02
N SER A 134 -15.57 -18.32 -11.45
CA SER A 134 -15.26 -19.73 -11.71
C SER A 134 -13.82 -20.00 -11.31
N PHE A 135 -13.00 -20.62 -12.16
CA PHE A 135 -11.59 -20.85 -11.87
C PHE A 135 -10.91 -19.57 -11.39
N GLY A 136 -11.24 -18.43 -11.98
CA GLY A 136 -10.64 -17.17 -11.56
C GLY A 136 -11.04 -16.76 -10.17
N GLY A 137 -12.22 -17.18 -9.71
CA GLY A 137 -12.60 -16.90 -8.34
C GLY A 137 -11.76 -17.64 -7.32
N THR A 138 -11.45 -18.90 -7.60
CA THR A 138 -10.57 -19.65 -6.72
C THR A 138 -9.14 -19.12 -6.79
N VAL A 139 -8.70 -18.71 -7.99
CA VAL A 139 -7.38 -18.11 -8.13
C VAL A 139 -7.30 -16.80 -7.36
N SER A 140 -8.40 -16.02 -7.39
CA SER A 140 -8.42 -14.75 -6.67
C SER A 140 -8.28 -14.97 -5.17
N ALA A 141 -8.95 -15.99 -4.63
CA ALA A 141 -8.87 -16.25 -3.20
C ALA A 141 -7.45 -16.61 -2.78
N CYS A 142 -6.75 -17.40 -3.61
CA CYS A 142 -5.36 -17.73 -3.30
C CYS A 142 -4.50 -16.49 -3.25
N ALA A 143 -4.75 -15.52 -4.14
CA ALA A 143 -3.98 -14.28 -4.12
C ALA A 143 -4.33 -13.44 -2.90
N ALA A 144 -5.61 -13.40 -2.53
CA ALA A 144 -6.02 -12.64 -1.35
C ALA A 144 -5.46 -13.20 -0.06
N ALA A 145 -5.13 -14.49 -0.03
CA ALA A 145 -4.62 -15.10 1.19
C ALA A 145 -3.25 -14.57 1.57
N VAL A 146 -2.44 -14.16 0.58
CA VAL A 146 -1.07 -13.74 0.83
C VAL A 146 -0.87 -12.24 0.68
N ASP A 147 -1.85 -11.51 0.14
CA ASP A 147 -1.70 -10.09 -0.18
C ASP A 147 -2.71 -9.29 0.64
N ARG A 148 -2.25 -8.68 1.73
CA ARG A 148 -3.12 -7.87 2.58
C ARG A 148 -3.60 -6.60 1.89
N ARG A 149 -3.01 -6.22 0.76
CA ARG A 149 -3.52 -5.09 0.00
C ARG A 149 -4.91 -5.35 -0.56
N VAL A 150 -5.32 -6.61 -0.62
CA VAL A 150 -6.65 -6.97 -1.11
C VAL A 150 -7.63 -6.78 0.04
N LYS A 151 -8.47 -5.74 -0.06
CA LYS A 151 -9.41 -5.42 1.01
C LYS A 151 -10.70 -6.22 0.93
N ALA A 152 -11.06 -6.73 -0.24
CA ALA A 152 -12.29 -7.50 -0.39
C ALA A 152 -12.09 -8.55 -1.47
N LEU A 153 -12.83 -9.65 -1.32
CA LEU A 153 -12.77 -10.76 -2.26
C LEU A 153 -14.18 -11.11 -2.70
N VAL A 154 -14.37 -11.29 -4.01
CA VAL A 154 -15.64 -11.69 -4.58
C VAL A 154 -15.40 -12.90 -5.46
N MET A 155 -16.03 -14.02 -5.12
CA MET A 155 -15.88 -15.27 -5.85
C MET A 155 -17.23 -15.65 -6.45
N VAL A 156 -17.29 -15.73 -7.77
CA VAL A 156 -18.48 -16.14 -8.49
C VAL A 156 -18.29 -17.57 -8.97
N CYS A 157 -19.24 -18.45 -8.65
CA CYS A 157 -19.23 -19.88 -8.95
C CYS A 157 -17.83 -20.48 -8.94
N PRO A 158 -17.08 -20.36 -7.84
CA PRO A 158 -15.71 -20.86 -7.84
C PRO A 158 -15.67 -22.38 -7.93
N ILE A 159 -14.64 -22.89 -8.60
N ILE A 159 -14.62 -22.88 -8.59
CA ILE A 159 -14.44 -24.32 -8.76
CA ILE A 159 -14.40 -24.31 -8.78
C ILE A 159 -13.29 -24.74 -7.85
C ILE A 159 -13.28 -24.73 -7.84
N LEU A 160 -13.51 -25.80 -7.08
CA LEU A 160 -12.58 -26.22 -6.04
C LEU A 160 -12.07 -27.65 -6.19
N SER A 161 -12.50 -28.39 -7.21
CA SER A 161 -11.97 -29.71 -7.46
C SER A 161 -11.95 -29.95 -8.97
N PHE A 162 -11.11 -30.90 -9.39
CA PHE A 162 -10.85 -31.04 -10.82
C PHE A 162 -10.73 -32.50 -11.25
N TYR A 163 -10.13 -33.34 -10.42
CA TYR A 163 -9.87 -34.72 -10.80
C TYR A 163 -11.02 -35.63 -10.35
N GLN A 164 -11.52 -36.43 -11.29
CA GLN A 164 -12.29 -37.62 -10.93
C GLN A 164 -11.32 -38.75 -10.61
N ALA A 165 -11.54 -39.42 -9.47
CA ALA A 165 -10.58 -40.40 -8.99
C ALA A 165 -10.37 -41.53 -9.99
N GLU A 166 -11.40 -41.89 -10.76
CA GLU A 166 -11.30 -43.02 -11.67
C GLU A 166 -10.42 -42.73 -12.87
N LYS A 167 -10.26 -41.46 -13.25
CA LYS A 167 -9.46 -41.08 -14.41
C LYS A 167 -8.07 -40.59 -14.04
N ARG A 168 -7.70 -40.66 -12.76
N ARG A 168 -7.69 -40.65 -12.77
CA ARG A 168 -6.45 -40.07 -12.31
CA ARG A 168 -6.44 -40.05 -12.33
C ARG A 168 -5.24 -40.80 -12.89
C ARG A 168 -5.23 -40.80 -12.90
N ASP A 169 -5.24 -42.14 -12.81
CA ASP A 169 -4.06 -42.90 -13.22
C ASP A 169 -3.81 -42.79 -14.71
N LYS A 170 -4.86 -42.80 -15.54
CA LYS A 170 -4.66 -42.67 -16.97
C LYS A 170 -4.24 -41.25 -17.35
N ALA A 171 -4.81 -40.25 -16.69
CA ALA A 171 -4.39 -38.87 -16.93
C ALA A 171 -2.94 -38.66 -16.53
N PHE A 172 -2.52 -39.24 -15.40
CA PHE A 172 -1.13 -39.15 -14.98
C PHE A 172 -0.19 -39.73 -16.02
N LEU A 173 -0.50 -40.94 -16.50
CA LEU A 173 0.32 -41.58 -17.52
C LEU A 173 0.36 -40.74 -18.80
N GLN A 174 -0.76 -40.11 -19.15
CA GLN A 174 -0.78 -39.25 -20.32
C GLN A 174 0.12 -38.03 -20.11
N LEU A 175 0.16 -37.51 -18.89
CA LEU A 175 1.03 -36.38 -18.59
C LEU A 175 2.51 -36.76 -18.71
N ILE A 176 2.89 -37.92 -18.18
CA ILE A 176 4.28 -38.36 -18.27
C ILE A 176 4.69 -38.55 -19.72
N ARG A 177 3.83 -39.20 -20.52
CA ARG A 177 4.17 -39.45 -21.91
C ARG A 177 4.26 -38.14 -22.70
N ASP A 178 3.54 -37.10 -22.28
CA ASP A 178 3.71 -35.79 -22.90
C ASP A 178 5.08 -35.21 -22.57
N ARG A 179 5.55 -35.39 -21.33
CA ARG A 179 6.89 -34.92 -20.98
C ARG A 179 7.94 -35.61 -21.84
N GLN A 180 7.87 -36.93 -21.95
CA GLN A 180 8.81 -37.67 -22.80
C GLN A 180 8.71 -37.21 -24.25
N SER A 181 7.50 -36.94 -24.72
CA SER A 181 7.33 -36.42 -26.08
C SER A 181 7.97 -35.05 -26.22
N GLN A 182 7.89 -34.22 -25.19
CA GLN A 182 8.54 -32.92 -25.22
C GLN A 182 10.05 -33.05 -25.20
N LEU A 183 10.57 -34.03 -24.46
CA LEU A 183 12.01 -34.24 -24.40
C LEU A 183 12.58 -34.70 -25.74
N ARG A 184 11.75 -35.29 -26.60
CA ARG A 184 12.16 -35.68 -27.94
C ARG A 184 12.01 -34.56 -28.96
N GLY A 185 11.68 -33.35 -28.51
CA GLY A 185 11.60 -32.19 -29.38
C GLY A 185 10.22 -31.76 -29.78
N ASN A 186 9.19 -32.56 -29.49
CA ASN A 186 7.84 -32.24 -29.92
C ASN A 186 7.25 -31.10 -29.08
N GLU A 187 6.25 -30.43 -29.66
CA GLU A 187 5.55 -29.38 -28.95
C GLU A 187 4.74 -29.97 -27.80
N PRO A 188 4.44 -29.17 -26.78
CA PRO A 188 3.53 -29.65 -25.73
C PRO A 188 2.17 -29.99 -26.31
N PHE A 189 1.60 -31.11 -25.85
CA PHE A 189 0.33 -31.57 -26.39
C PHE A 189 -0.78 -30.62 -25.99
N MET A 190 -1.60 -30.22 -26.97
CA MET A 190 -2.72 -29.33 -26.75
C MET A 190 -4.03 -30.08 -26.98
N LEU A 191 -5.08 -29.62 -26.32
CA LEU A 191 -6.40 -30.23 -26.43
C LEU A 191 -7.43 -29.24 -25.92
N PRO A 192 -8.67 -29.34 -26.36
CA PRO A 192 -9.72 -28.45 -25.86
C PRO A 192 -10.04 -28.76 -24.42
N PRO A 193 -10.35 -27.74 -23.61
CA PRO A 193 -10.76 -28.02 -22.23
C PRO A 193 -11.99 -28.89 -22.14
N PHE A 194 -12.82 -28.89 -23.17
CA PHE A 194 -13.95 -29.79 -23.30
C PHE A 194 -14.08 -30.17 -24.76
N ASN A 195 -14.09 -31.47 -25.05
CA ASN A 195 -14.21 -31.91 -26.43
C ASN A 195 -15.67 -31.84 -26.88
N SER A 196 -15.93 -32.28 -28.10
CA SER A 196 -17.28 -32.21 -28.65
C SER A 196 -18.27 -33.02 -27.84
N LYS A 197 -17.80 -33.98 -27.04
CA LYS A 197 -18.65 -34.76 -26.14
C LYS A 197 -18.72 -34.16 -24.75
N GLY A 198 -18.15 -32.98 -24.55
CA GLY A 198 -18.18 -32.34 -23.24
C GLY A 198 -17.27 -32.98 -22.22
N GLU A 199 -16.23 -33.67 -22.65
CA GLU A 199 -15.37 -34.45 -21.76
C GLU A 199 -13.94 -33.96 -21.83
N ASN A 200 -13.16 -34.35 -20.84
CA ASN A 200 -11.73 -34.06 -20.77
C ASN A 200 -11.06 -35.17 -19.97
N PRO A 201 -9.75 -35.37 -20.15
CA PRO A 201 -9.11 -36.57 -19.56
C PRO A 201 -9.21 -36.68 -18.05
N ILE A 202 -9.25 -35.57 -17.32
CA ILE A 202 -9.31 -35.63 -15.86
C ILE A 202 -10.73 -35.55 -15.31
N GLY A 203 -11.72 -35.25 -16.16
CA GLY A 203 -13.10 -35.22 -15.70
C GLY A 203 -13.49 -33.99 -14.92
N MET A 204 -12.93 -32.83 -15.25
CA MET A 204 -13.17 -31.61 -14.50
C MET A 204 -14.39 -30.86 -15.02
N ALA A 205 -15.05 -30.13 -14.12
CA ALA A 205 -16.04 -29.12 -14.47
C ALA A 205 -17.21 -29.70 -15.26
N GLY A 206 -17.73 -30.83 -14.79
CA GLY A 206 -18.89 -31.43 -15.41
C GLY A 206 -18.61 -32.28 -16.62
N SER A 207 -17.38 -32.74 -16.80
CA SER A 207 -17.04 -33.60 -17.92
C SER A 207 -17.89 -34.87 -17.88
N GLY A 208 -18.44 -35.24 -19.03
CA GLY A 208 -19.33 -36.39 -19.10
C GLY A 208 -20.74 -36.14 -18.65
N GLY A 209 -21.10 -34.88 -18.37
CA GLY A 209 -22.43 -34.54 -17.95
C GLY A 209 -22.96 -33.34 -18.68
N PRO A 210 -24.10 -32.80 -18.23
CA PRO A 210 -24.68 -31.63 -18.92
C PRO A 210 -23.77 -30.41 -18.88
N GLY A 211 -23.00 -30.24 -17.80
CA GLY A 211 -22.16 -29.05 -17.69
C GLY A 211 -21.03 -29.04 -18.70
N GLY A 212 -20.36 -30.17 -18.88
CA GLY A 212 -19.30 -30.23 -19.87
C GLY A 212 -19.80 -30.04 -21.28
N ILE A 213 -21.00 -30.55 -21.58
CA ILE A 213 -21.59 -30.36 -22.90
C ILE A 213 -21.91 -28.88 -23.13
N GLU A 214 -22.48 -28.22 -22.10
CA GLU A 214 -22.75 -26.79 -22.23
C GLU A 214 -21.47 -25.98 -22.35
N ALA A 215 -20.41 -26.40 -21.63
CA ALA A 215 -19.14 -25.71 -21.72
C ALA A 215 -18.58 -25.77 -23.14
N TYR A 216 -18.59 -26.96 -23.74
CA TYR A 216 -18.12 -27.09 -25.12
C TYR A 216 -18.94 -26.24 -26.07
N GLY A 217 -20.25 -26.20 -25.87
CA GLY A 217 -21.11 -25.43 -26.76
C GLY A 217 -20.73 -23.97 -26.81
N PHE A 218 -20.32 -23.41 -25.68
CA PHE A 218 -19.93 -22.00 -25.65
C PHE A 218 -18.51 -21.80 -26.16
N MET A 219 -17.57 -22.66 -25.73
CA MET A 219 -16.18 -22.47 -26.12
C MET A 219 -15.96 -22.77 -27.60
N GLY A 220 -16.67 -23.75 -28.16
CA GLY A 220 -16.48 -24.15 -29.52
C GLY A 220 -17.30 -23.43 -30.57
N ALA A 221 -18.17 -22.51 -30.16
CA ALA A 221 -19.04 -21.84 -31.11
C ALA A 221 -18.24 -20.91 -32.03
N VAL A 222 -18.58 -20.94 -33.31
CA VAL A 222 -17.92 -20.08 -34.31
C VAL A 222 -18.72 -18.79 -34.36
N ILE A 223 -18.49 -17.93 -33.35
CA ILE A 223 -19.23 -16.69 -33.18
C ILE A 223 -18.23 -15.60 -32.80
N ASP A 224 -18.49 -14.38 -33.29
CA ASP A 224 -17.69 -13.22 -32.91
C ASP A 224 -18.11 -12.77 -31.51
N ARG A 225 -17.25 -12.99 -30.53
CA ARG A 225 -17.47 -12.54 -29.17
C ARG A 225 -16.64 -11.32 -28.81
N GLY A 226 -15.96 -10.72 -29.79
CA GLY A 226 -15.08 -9.59 -29.52
C GLY A 226 -13.70 -9.97 -29.05
N ALA A 227 -13.34 -11.26 -29.08
CA ALA A 227 -12.07 -11.75 -28.58
C ALA A 227 -11.36 -12.53 -29.69
N PRO A 228 -10.57 -11.85 -30.53
CA PRO A 228 -9.87 -12.57 -31.60
C PRO A 228 -8.83 -13.55 -31.09
N ASN A 229 -8.22 -13.29 -29.93
CA ASN A 229 -7.12 -14.11 -29.44
C ASN A 229 -7.57 -15.22 -28.50
N PHE A 230 -8.87 -15.42 -28.33
CA PHE A 230 -9.35 -16.58 -27.59
C PHE A 230 -8.98 -17.85 -28.33
N ARG A 231 -8.61 -18.89 -27.58
CA ARG A 231 -8.20 -20.17 -28.15
C ARG A 231 -8.81 -21.28 -27.32
N ASN A 232 -9.61 -22.13 -27.96
CA ASN A 232 -10.29 -23.21 -27.25
C ASN A 232 -9.37 -24.42 -27.08
N LYS A 233 -8.13 -24.17 -26.64
CA LYS A 233 -7.16 -25.23 -26.41
C LYS A 233 -6.35 -24.89 -25.18
N ILE A 234 -5.99 -25.92 -24.41
CA ILE A 234 -5.07 -25.78 -23.29
C ILE A 234 -3.96 -26.79 -23.47
N ALA A 235 -2.78 -26.47 -22.92
CA ALA A 235 -1.71 -27.44 -22.86
C ALA A 235 -2.09 -28.55 -21.88
N LEU A 236 -1.74 -29.79 -22.24
CA LEU A 236 -2.07 -30.91 -21.37
C LEU A 236 -1.43 -30.75 -19.99
N GLN A 237 -0.23 -30.18 -19.94
CA GLN A 237 0.47 -30.00 -18.67
C GLN A 237 -0.30 -29.13 -17.69
N THR A 238 -1.38 -28.46 -18.13
CA THR A 238 -2.28 -27.81 -17.20
C THR A 238 -2.79 -28.80 -16.16
N TYR A 239 -3.07 -30.03 -16.58
CA TYR A 239 -3.57 -31.04 -15.66
C TYR A 239 -2.53 -31.43 -14.62
N GLN A 240 -1.25 -31.26 -14.94
CA GLN A 240 -0.20 -31.49 -13.95
C GLN A 240 -0.28 -30.45 -12.84
N LYS A 241 -0.43 -29.17 -13.22
CA LYS A 241 -0.57 -28.12 -12.22
C LYS A 241 -1.83 -28.32 -11.39
N LEU A 242 -2.94 -28.70 -12.04
CA LEU A 242 -4.18 -28.93 -11.30
C LEU A 242 -4.05 -30.09 -10.33
N ALA A 243 -3.15 -31.05 -10.61
CA ALA A 243 -2.93 -32.14 -9.69
C ALA A 243 -2.22 -31.69 -8.42
N TRP A 244 -1.30 -30.72 -8.55
CA TRP A 244 -0.62 -30.19 -7.36
C TRP A 244 -1.54 -29.31 -6.53
N TRP A 245 -2.42 -28.57 -7.20
CA TRP A 245 -3.21 -27.54 -6.54
C TRP A 245 -4.15 -28.16 -5.50
N GLN A 246 -4.13 -27.59 -4.29
CA GLN A 246 -5.07 -27.94 -3.23
C GLN A 246 -5.81 -26.67 -2.81
N PRO A 247 -6.72 -26.19 -3.66
CA PRO A 247 -7.35 -24.88 -3.38
C PRO A 247 -8.16 -24.85 -2.09
N LYS A 248 -8.77 -25.97 -1.71
CA LYS A 248 -9.54 -26.00 -0.46
C LYS A 248 -8.65 -25.73 0.75
N GLU A 249 -7.39 -26.15 0.69
CA GLU A 249 -6.48 -25.88 1.78
C GLU A 249 -5.96 -24.45 1.76
N ILE A 250 -5.76 -23.89 0.55
CA ILE A 250 -5.29 -22.51 0.45
C ILE A 250 -6.35 -21.54 0.94
N LEU A 251 -7.62 -21.83 0.63
CA LEU A 251 -8.70 -20.95 1.04
C LEU A 251 -8.83 -20.87 2.57
N LYS A 252 -8.33 -21.87 3.28
CA LYS A 252 -8.31 -21.81 4.74
C LYS A 252 -7.37 -20.72 5.25
N LEU A 253 -6.40 -20.30 4.45
CA LEU A 253 -5.53 -19.19 4.83
C LEU A 253 -6.26 -17.85 4.72
N VAL A 254 -7.28 -17.76 3.87
CA VAL A 254 -8.07 -16.54 3.73
C VAL A 254 -8.95 -16.39 4.96
N ASP A 255 -8.38 -15.85 6.04
CA ASP A 255 -9.09 -15.73 7.30
C ASP A 255 -9.31 -14.28 7.74
N LYS A 256 -9.03 -13.31 6.88
CA LYS A 256 -9.24 -11.91 7.23
C LYS A 256 -10.02 -11.15 6.17
N THR A 257 -9.80 -11.48 4.91
CA THR A 257 -10.38 -10.71 3.81
C THR A 257 -11.88 -10.93 3.74
N PRO A 258 -12.69 -9.88 3.84
CA PRO A 258 -14.14 -10.04 3.65
C PRO A 258 -14.44 -10.65 2.28
N VAL A 259 -15.24 -11.71 2.27
CA VAL A 259 -15.45 -12.53 1.09
C VAL A 259 -16.93 -12.62 0.79
N LEU A 260 -17.29 -12.41 -0.49
CA LEU A 260 -18.64 -12.60 -0.98
C LEU A 260 -18.61 -13.70 -2.03
N MET A 261 -19.41 -14.75 -1.82
CA MET A 261 -19.52 -15.85 -2.76
C MET A 261 -20.88 -15.84 -3.42
N VAL A 262 -20.88 -15.88 -4.75
CA VAL A 262 -22.10 -15.98 -5.54
C VAL A 262 -22.12 -17.37 -6.17
N THR A 263 -23.09 -18.19 -5.77
CA THR A 263 -23.18 -19.57 -6.21
C THR A 263 -24.44 -19.77 -7.04
N PRO A 264 -24.33 -20.32 -8.26
CA PRO A 264 -25.54 -20.65 -9.03
C PRO A 264 -26.22 -21.86 -8.43
N GLU A 265 -27.54 -21.76 -8.26
CA GLU A 265 -28.29 -22.85 -7.64
C GLU A 265 -28.17 -24.14 -8.44
N LEU A 266 -28.19 -24.04 -9.76
CA LEU A 266 -28.15 -25.21 -10.65
C LEU A 266 -26.80 -25.32 -11.35
N ASP A 267 -25.71 -25.10 -10.60
CA ASP A 267 -24.37 -25.18 -11.16
C ASP A 267 -24.05 -26.64 -11.47
N THR A 268 -23.96 -26.98 -12.76
CA THR A 268 -23.64 -28.33 -13.20
C THR A 268 -22.15 -28.50 -13.51
N MET A 269 -21.33 -27.48 -13.29
CA MET A 269 -19.90 -27.57 -13.49
C MET A 269 -19.09 -27.52 -12.20
N SER A 270 -19.59 -26.82 -11.19
CA SER A 270 -18.99 -26.79 -9.86
C SER A 270 -20.11 -27.03 -8.86
N PRO A 271 -20.14 -28.18 -8.19
CA PRO A 271 -21.26 -28.51 -7.29
C PRO A 271 -21.49 -27.41 -6.27
N PRO A 272 -22.71 -26.89 -6.17
CA PRO A 272 -22.97 -25.82 -5.18
C PRO A 272 -22.61 -26.23 -3.77
N GLU A 273 -22.82 -27.49 -3.40
CA GLU A 273 -22.48 -27.94 -2.05
C GLU A 273 -20.97 -27.83 -1.79
N GLU A 274 -20.16 -28.08 -2.82
CA GLU A 274 -18.72 -27.91 -2.67
C GLU A 274 -18.36 -26.44 -2.46
N GLN A 275 -19.03 -25.55 -3.20
CA GLN A 275 -18.82 -24.12 -2.98
C GLN A 275 -19.31 -23.71 -1.60
N LYS A 276 -20.42 -24.30 -1.15
CA LYS A 276 -20.97 -23.95 0.16
C LYS A 276 -20.08 -24.47 1.29
N ALA A 277 -19.47 -25.65 1.10
CA ALA A 277 -18.57 -26.18 2.11
C ALA A 277 -17.37 -25.27 2.32
N ALA A 278 -16.87 -24.67 1.24
CA ALA A 278 -15.75 -23.74 1.37
C ALA A 278 -16.18 -22.45 2.04
N PHE A 279 -17.36 -21.93 1.71
CA PHE A 279 -17.85 -20.71 2.34
C PHE A 279 -18.05 -20.90 3.84
N GLU A 280 -18.36 -22.12 4.27
CA GLU A 280 -18.57 -22.38 5.69
C GLU A 280 -17.30 -22.16 6.50
N LEU A 281 -16.14 -22.45 5.92
CA LEU A 281 -14.90 -22.40 6.69
C LEU A 281 -14.42 -20.97 6.95
N PHE A 282 -14.91 -19.99 6.20
CA PHE A 282 -14.44 -18.61 6.34
C PHE A 282 -14.85 -18.04 7.70
N PRO A 283 -13.90 -17.71 8.58
CA PRO A 283 -14.29 -17.20 9.91
C PRO A 283 -14.51 -15.69 9.95
N GLN A 284 -14.02 -14.98 8.94
CA GLN A 284 -14.08 -13.53 8.93
C GLN A 284 -15.43 -13.05 8.39
N THR A 285 -15.56 -11.74 8.20
CA THR A 285 -16.77 -11.18 7.61
C THR A 285 -17.02 -11.79 6.24
N LYS A 286 -18.24 -12.27 6.02
CA LYS A 286 -18.55 -12.95 4.77
C LYS A 286 -20.03 -12.78 4.44
N LYS A 287 -20.36 -13.04 3.17
CA LYS A 287 -21.72 -12.94 2.68
C LYS A 287 -21.92 -13.95 1.56
N PHE A 288 -23.02 -14.71 1.62
CA PHE A 288 -23.34 -15.71 0.62
C PHE A 288 -24.58 -15.31 -0.15
N LEU A 289 -24.56 -15.54 -1.46
CA LEU A 289 -25.70 -15.28 -2.32
C LEU A 289 -25.85 -16.44 -3.29
N GLU A 290 -27.06 -17.00 -3.35
CA GLU A 290 -27.37 -18.06 -4.29
C GLU A 290 -28.23 -17.50 -5.41
N ALA A 291 -27.78 -17.69 -6.65
CA ALA A 291 -28.52 -17.23 -7.83
C ALA A 291 -29.49 -18.34 -8.24
N LYS A 292 -30.77 -18.12 -7.98
CA LYS A 292 -31.78 -19.14 -8.27
C LYS A 292 -31.88 -19.40 -9.76
N GLY A 293 -32.03 -20.67 -10.12
CA GLY A 293 -32.24 -21.06 -11.50
C GLY A 293 -31.10 -20.81 -12.45
N LYS A 294 -29.94 -20.38 -11.94
CA LYS A 294 -28.80 -20.08 -12.78
C LYS A 294 -27.80 -21.24 -12.78
N GLY A 295 -27.01 -21.30 -13.85
CA GLY A 295 -25.94 -22.26 -13.97
C GLY A 295 -24.58 -21.60 -13.89
N HIS A 296 -23.55 -22.42 -14.15
CA HIS A 296 -22.17 -21.95 -14.05
C HIS A 296 -21.91 -20.78 -14.99
N LEU A 297 -22.50 -20.82 -16.20
CA LEU A 297 -22.22 -19.81 -17.22
C LEU A 297 -23.23 -18.68 -17.23
N THR A 298 -24.40 -18.86 -16.63
CA THR A 298 -25.48 -17.89 -16.69
C THR A 298 -25.72 -17.17 -15.36
N VAL A 299 -24.80 -17.32 -14.40
CA VAL A 299 -25.04 -16.79 -13.06
C VAL A 299 -25.09 -15.27 -13.06
N LEU A 300 -24.43 -14.62 -14.03
CA LEU A 300 -24.42 -13.16 -14.12
C LEU A 300 -25.17 -12.66 -15.35
N SER A 301 -26.21 -13.38 -15.77
CA SER A 301 -26.98 -13.00 -16.95
C SER A 301 -28.47 -13.19 -16.68
N GLY A 302 -29.29 -12.57 -17.52
CA GLY A 302 -30.72 -12.73 -17.41
C GLY A 302 -31.32 -11.94 -16.25
N GLU A 303 -32.57 -12.29 -15.94
CA GLU A 303 -33.28 -11.64 -14.84
C GLU A 303 -32.61 -11.98 -13.51
N GLY A 304 -32.49 -10.97 -12.65
CA GLY A 304 -31.79 -11.11 -11.40
C GLY A 304 -30.32 -10.76 -11.46
N SER A 305 -29.75 -10.69 -12.66
CA SER A 305 -28.32 -10.38 -12.78
C SER A 305 -28.01 -8.95 -12.34
N VAL A 306 -28.94 -8.02 -12.54
CA VAL A 306 -28.72 -6.65 -12.11
C VAL A 306 -28.69 -6.57 -10.59
N GLU A 307 -29.59 -7.30 -9.92
CA GLU A 307 -29.60 -7.32 -8.47
C GLU A 307 -28.33 -7.98 -7.92
N VAL A 308 -27.80 -8.97 -8.63
CA VAL A 308 -26.57 -9.63 -8.18
C VAL A 308 -25.38 -8.69 -8.28
N VAL A 309 -25.27 -7.96 -9.39
CA VAL A 309 -24.14 -7.04 -9.55
C VAL A 309 -24.22 -5.90 -8.54
N ASP A 310 -25.42 -5.40 -8.26
CA ASP A 310 -25.59 -4.36 -7.25
C ASP A 310 -25.16 -4.86 -5.88
N ALA A 311 -25.42 -6.15 -5.59
CA ALA A 311 -25.00 -6.71 -4.32
C ALA A 311 -23.48 -6.82 -4.21
N MET A 312 -22.79 -6.98 -5.35
CA MET A 312 -21.34 -7.02 -5.33
C MET A 312 -20.75 -5.67 -4.93
N THR A 313 -21.21 -4.60 -5.59
CA THR A 313 -20.72 -3.26 -5.24
C THR A 313 -21.15 -2.87 -3.83
N GLU A 314 -22.35 -3.29 -3.41
CA GLU A 314 -22.80 -3.03 -2.05
C GLU A 314 -21.87 -3.69 -1.04
N PHE A 315 -21.50 -4.95 -1.29
CA PHE A 315 -20.61 -5.65 -0.37
C PHE A 315 -19.24 -5.00 -0.31
N ILE A 316 -18.73 -4.54 -1.46
CA ILE A 316 -17.42 -3.89 -1.47
C ILE A 316 -17.48 -2.59 -0.69
N ARG A 317 -18.43 -1.72 -1.03
CA ARG A 317 -18.55 -0.44 -0.32
C ARG A 317 -18.80 -0.64 1.17
N GLU A 318 -19.54 -1.69 1.54
CA GLU A 318 -19.80 -1.96 2.95
C GLU A 318 -18.53 -2.39 3.67
N ASN A 319 -17.56 -2.96 2.95
CA ASN A 319 -16.33 -3.46 3.56
C ASN A 319 -15.08 -2.69 3.14
N VAL A 320 -15.18 -1.80 2.16
CA VAL A 320 -14.01 -1.07 1.69
C VAL A 320 -13.73 0.13 2.57
N SER B 26 33.71 -46.23 -9.99
CA SER B 26 33.86 -44.77 -9.92
C SER B 26 32.65 -44.08 -10.54
N PHE B 27 32.15 -43.04 -9.87
CA PHE B 27 30.99 -42.34 -10.38
C PHE B 27 31.37 -41.51 -11.60
N GLN B 28 30.37 -41.21 -12.42
CA GLN B 28 30.52 -40.37 -13.59
C GLN B 28 29.50 -39.25 -13.53
N VAL B 29 29.86 -38.09 -14.08
CA VAL B 29 28.92 -36.99 -14.20
C VAL B 29 27.86 -37.35 -15.23
N VAL B 30 26.60 -37.12 -14.88
CA VAL B 30 25.47 -37.45 -15.76
C VAL B 30 24.47 -36.31 -15.69
N GLU B 31 24.06 -35.81 -16.86
CA GLU B 31 23.18 -34.66 -16.97
C GLU B 31 21.81 -35.11 -17.47
N CYS B 32 20.76 -34.52 -16.90
CA CYS B 32 19.37 -34.82 -17.27
C CYS B 32 18.69 -33.54 -17.74
N LYS B 33 18.26 -33.53 -19.00
CA LYS B 33 17.54 -32.38 -19.54
C LYS B 33 16.09 -32.40 -19.08
N THR B 34 15.56 -31.23 -18.77
CA THR B 34 14.16 -31.05 -18.41
C THR B 34 13.37 -30.55 -19.61
N ILE B 35 12.04 -30.55 -19.47
CA ILE B 35 11.20 -30.18 -20.60
C ILE B 35 11.36 -28.71 -20.96
N ASP B 36 11.75 -27.87 -20.00
CA ASP B 36 11.96 -26.45 -20.28
C ASP B 36 13.40 -26.13 -20.63
N GLY B 37 14.25 -27.13 -20.81
CA GLY B 37 15.62 -26.92 -21.26
C GLY B 37 16.65 -26.79 -20.16
N ILE B 38 16.27 -26.91 -18.90
CA ILE B 38 17.22 -26.80 -17.80
C ILE B 38 17.98 -28.12 -17.67
N ILE B 39 19.27 -28.02 -17.37
CA ILE B 39 20.14 -29.18 -17.22
C ILE B 39 20.30 -29.50 -15.74
N ILE B 40 19.92 -30.71 -15.35
CA ILE B 40 20.13 -31.21 -13.99
C ILE B 40 21.41 -32.04 -14.00
N ARG B 41 22.30 -31.77 -13.05
CA ARG B 41 23.61 -32.41 -13.01
C ARG B 41 23.78 -33.18 -11.71
N GLY B 42 24.44 -34.33 -11.79
CA GLY B 42 24.65 -35.14 -10.60
C GLY B 42 25.67 -36.23 -10.85
N ARG B 43 25.88 -37.04 -9.81
CA ARG B 43 26.79 -38.18 -9.85
C ARG B 43 25.99 -39.45 -10.14
N PHE B 44 26.50 -40.26 -11.07
CA PHE B 44 25.90 -41.56 -11.39
C PHE B 44 26.87 -42.65 -10.99
N TYR B 45 26.46 -43.50 -10.05
CA TYR B 45 27.24 -44.64 -9.60
C TYR B 45 26.75 -45.87 -10.33
N ALA B 46 27.46 -46.27 -11.38
CA ALA B 46 27.04 -47.36 -12.24
C ALA B 46 27.44 -48.71 -11.67
N VAL B 47 26.74 -49.75 -12.12
CA VAL B 47 27.06 -51.13 -11.80
C VAL B 47 27.36 -51.87 -13.10
N ASP B 48 28.05 -52.99 -12.97
CA ASP B 48 28.33 -53.82 -14.12
C ASP B 48 27.04 -54.43 -14.68
N GLY B 49 27.01 -54.58 -16.00
CA GLY B 49 25.84 -55.16 -16.63
C GLY B 49 24.66 -54.22 -16.57
N LYS B 50 23.48 -54.77 -16.27
CA LYS B 50 22.24 -54.01 -16.16
C LYS B 50 21.57 -54.34 -14.83
N GLY B 51 21.01 -53.33 -14.18
CA GLY B 51 20.39 -53.51 -12.89
C GLY B 51 19.50 -52.37 -12.46
N PRO B 52 18.95 -52.47 -11.25
CA PRO B 52 18.03 -51.44 -10.76
C PRO B 52 18.73 -50.12 -10.52
N ALA B 53 17.93 -49.07 -10.41
CA ALA B 53 18.44 -47.71 -10.26
C ALA B 53 17.71 -47.00 -9.13
N ILE B 54 18.48 -46.31 -8.29
CA ILE B 54 17.95 -45.52 -7.18
C ILE B 54 18.32 -44.08 -7.42
N ILE B 55 17.32 -43.19 -7.44
CA ILE B 55 17.52 -41.76 -7.65
C ILE B 55 17.34 -41.06 -6.32
N MET B 56 18.40 -40.42 -5.84
CA MET B 56 18.44 -39.82 -4.51
C MET B 56 18.33 -38.32 -4.61
N THR B 57 17.34 -37.75 -3.91
CA THR B 57 17.13 -36.31 -3.87
C THR B 57 17.56 -35.75 -2.53
N PRO B 58 18.45 -34.75 -2.51
CA PRO B 58 18.93 -34.21 -1.23
C PRO B 58 17.90 -33.37 -0.50
N GLY B 59 18.27 -32.89 0.69
CA GLY B 59 17.38 -32.09 1.51
C GLY B 59 17.31 -30.64 1.04
N PHE B 60 16.64 -29.83 1.85
CA PHE B 60 16.37 -28.43 1.56
C PHE B 60 17.64 -27.64 1.28
N ASN B 61 17.82 -27.22 0.03
CA ASN B 61 18.96 -26.41 -0.42
C ASN B 61 20.29 -27.14 -0.26
N CYS B 62 20.27 -28.46 -0.13
CA CYS B 62 21.48 -29.24 0.03
C CYS B 62 22.02 -29.67 -1.33
N VAL B 63 23.33 -29.92 -1.38
CA VAL B 63 23.98 -30.37 -2.59
C VAL B 63 24.20 -31.87 -2.50
N LYS B 64 24.48 -32.49 -3.65
CA LYS B 64 24.63 -33.94 -3.72
C LYS B 64 25.83 -34.45 -2.94
N GLU B 65 26.81 -33.60 -2.65
CA GLU B 65 28.02 -34.02 -1.97
C GLU B 65 27.85 -34.15 -0.46
N MET B 66 26.73 -33.68 0.09
CA MET B 66 26.50 -33.74 1.53
C MET B 66 25.88 -35.08 1.90
N LEU B 67 26.59 -35.86 2.73
CA LEU B 67 26.09 -37.10 3.33
C LEU B 67 25.83 -38.19 2.29
N LEU B 68 25.10 -37.87 1.23
CA LEU B 68 24.58 -38.90 0.33
C LEU B 68 25.65 -39.73 -0.39
N PRO B 69 26.84 -39.22 -0.76
CA PRO B 69 27.81 -40.09 -1.45
C PRO B 69 28.13 -41.39 -0.72
N ASP B 70 28.23 -41.36 0.62
CA ASP B 70 28.49 -42.59 1.36
C ASP B 70 27.36 -43.59 1.18
N ILE B 71 26.12 -43.11 1.15
CA ILE B 71 24.98 -44.01 0.96
C ILE B 71 24.99 -44.61 -0.43
N ALA B 72 25.37 -43.81 -1.44
CA ALA B 72 25.36 -44.30 -2.82
C ALA B 72 26.43 -45.35 -3.06
N GLU B 73 27.58 -45.24 -2.39
CA GLU B 73 28.63 -46.23 -2.56
C GLU B 73 28.19 -47.58 -2.01
N THR B 74 27.45 -47.57 -0.90
CA THR B 74 26.90 -48.82 -0.38
C THR B 74 25.84 -49.37 -1.33
N PHE B 75 24.96 -48.51 -1.84
CA PHE B 75 23.98 -48.94 -2.82
C PHE B 75 24.65 -49.53 -4.06
N GLN B 76 25.74 -48.88 -4.52
CA GLN B 76 26.42 -49.34 -5.72
C GLN B 76 27.08 -50.70 -5.51
N SER B 77 27.72 -50.90 -4.35
CA SER B 77 28.36 -52.17 -4.07
C SER B 77 27.36 -53.31 -3.93
N GLN B 78 26.07 -53.00 -3.75
CA GLN B 78 25.03 -54.01 -3.62
C GLN B 78 24.21 -54.17 -4.90
N GLY B 79 24.71 -53.65 -6.02
CA GLY B 79 24.09 -53.87 -7.32
C GLY B 79 23.09 -52.83 -7.77
N PHE B 80 23.03 -51.67 -7.11
CA PHE B 80 22.08 -50.63 -7.44
C PHE B 80 22.80 -49.48 -8.13
N ASN B 81 22.43 -49.18 -9.37
CA ASN B 81 22.78 -47.89 -9.95
C ASN B 81 22.20 -46.79 -9.06
N THR B 82 22.98 -45.75 -8.84
CA THR B 82 22.56 -44.69 -7.94
C THR B 82 22.91 -43.33 -8.52
N TYR B 83 21.94 -42.42 -8.52
CA TYR B 83 22.10 -41.09 -9.10
C TYR B 83 21.75 -40.06 -8.02
N ILE B 84 22.77 -39.37 -7.52
CA ILE B 84 22.59 -38.21 -6.64
C ILE B 84 22.76 -36.97 -7.49
N TYR B 85 21.85 -36.00 -7.33
CA TYR B 85 21.84 -34.83 -8.19
C TYR B 85 21.56 -33.58 -7.35
N ASP B 86 22.03 -32.45 -7.86
CA ASP B 86 21.63 -31.17 -7.32
C ASP B 86 20.31 -30.76 -7.96
N PRO B 87 19.27 -30.48 -7.18
CA PRO B 87 18.01 -30.04 -7.77
C PRO B 87 18.15 -28.73 -8.50
N ARG B 88 17.06 -28.33 -9.17
CA ARG B 88 17.04 -27.13 -9.99
C ARG B 88 17.49 -25.92 -9.18
N SER B 89 18.32 -25.08 -9.80
CA SER B 89 18.85 -23.83 -9.26
C SER B 89 19.78 -24.03 -8.07
N ILE B 90 20.22 -25.27 -7.82
CA ILE B 90 21.08 -25.58 -6.68
C ILE B 90 22.38 -26.19 -7.21
N GLY B 91 23.50 -25.80 -6.61
CA GLY B 91 24.75 -26.46 -6.89
C GLY B 91 25.16 -26.35 -8.35
N ASP B 92 25.50 -27.50 -8.94
CA ASP B 92 25.96 -27.54 -10.32
C ASP B 92 24.83 -27.50 -11.34
N SER B 93 23.59 -27.61 -10.91
CA SER B 93 22.47 -27.71 -11.85
C SER B 93 22.02 -26.34 -12.33
N ASP B 94 21.45 -26.32 -13.53
CA ASP B 94 20.83 -25.12 -14.05
C ASP B 94 19.61 -24.74 -13.21
N GLY B 95 19.09 -23.54 -13.45
CA GLY B 95 17.93 -23.07 -12.74
C GLY B 95 18.08 -21.64 -12.25
N SER B 96 17.15 -20.77 -12.67
CA SER B 96 17.20 -19.37 -12.31
C SER B 96 15.79 -18.91 -11.94
N PRO B 97 15.65 -18.05 -10.91
CA PRO B 97 16.73 -17.52 -10.06
C PRO B 97 17.36 -18.57 -9.15
N LYS B 98 18.56 -18.30 -8.67
CA LYS B 98 19.34 -19.31 -7.96
C LYS B 98 18.75 -19.58 -6.58
N ASN B 99 18.79 -20.85 -6.17
CA ASN B 99 18.38 -21.29 -4.85
C ASN B 99 16.94 -20.86 -4.54
N LEU B 100 16.08 -20.90 -5.54
CA LEU B 100 14.64 -20.76 -5.35
C LEU B 100 14.06 -22.17 -5.29
N ILE B 101 13.74 -22.63 -4.09
CA ILE B 101 13.28 -24.00 -3.88
C ILE B 101 11.79 -24.05 -4.20
N ASP B 102 11.45 -24.57 -5.37
CA ASP B 102 10.07 -24.89 -5.71
C ASP B 102 9.91 -26.40 -5.64
N PRO B 103 9.32 -26.94 -4.57
CA PRO B 103 9.20 -28.41 -4.48
C PRO B 103 8.39 -29.03 -5.59
N LEU B 104 7.30 -28.37 -6.01
CA LEU B 104 6.49 -28.90 -7.10
C LEU B 104 7.28 -28.98 -8.40
N GLN B 105 8.14 -27.99 -8.66
CA GLN B 105 9.01 -28.06 -9.83
C GLN B 105 10.05 -29.15 -9.67
N GLN B 106 10.58 -29.32 -8.45
CA GLN B 106 11.51 -30.41 -8.19
C GLN B 106 10.84 -31.76 -8.41
N ALA B 107 9.55 -31.87 -8.10
CA ALA B 107 8.83 -33.11 -8.33
C ALA B 107 8.67 -33.38 -9.82
N GLU B 108 8.33 -32.35 -10.60
CA GLU B 108 8.22 -32.52 -12.04
C GLU B 108 9.58 -32.83 -12.67
N ASP B 109 10.64 -32.19 -12.19
CA ASP B 109 11.97 -32.47 -12.70
C ASP B 109 12.34 -33.94 -12.51
N LEU B 110 11.87 -34.56 -11.43
CA LEU B 110 12.19 -35.96 -11.18
C LEU B 110 11.63 -36.87 -12.26
N ALA B 111 10.48 -36.51 -12.84
CA ALA B 111 9.95 -37.29 -13.96
C ALA B 111 10.92 -37.26 -15.14
N ASP B 112 11.49 -36.09 -15.43
CA ASP B 112 12.47 -36.00 -16.51
C ASP B 112 13.78 -36.69 -16.12
N ILE B 113 14.16 -36.60 -14.84
CA ILE B 113 15.35 -37.31 -14.38
C ILE B 113 15.15 -38.82 -14.51
N VAL B 114 13.95 -39.30 -14.15
CA VAL B 114 13.65 -40.73 -14.32
C VAL B 114 13.76 -41.12 -15.79
N THR B 115 13.35 -40.23 -16.70
CA THR B 115 13.40 -40.56 -18.12
C THR B 115 14.83 -40.74 -18.61
N HIS B 116 15.75 -39.84 -18.21
CA HIS B 116 17.11 -39.95 -18.70
C HIS B 116 17.87 -41.09 -18.02
N ILE B 117 17.68 -41.27 -16.71
CA ILE B 117 18.34 -42.36 -16.01
C ILE B 117 17.87 -43.70 -16.56
N SER B 118 16.57 -43.81 -16.86
CA SER B 118 16.04 -45.05 -17.44
C SER B 118 16.64 -45.36 -18.79
N SER B 119 17.18 -44.37 -19.49
CA SER B 119 17.75 -44.58 -20.82
C SER B 119 19.19 -45.07 -20.78
N LEU B 120 19.83 -45.07 -19.62
CA LEU B 120 21.25 -45.38 -19.55
C LEU B 120 21.49 -46.88 -19.75
N PRO B 121 22.64 -47.26 -20.32
CA PRO B 121 22.85 -48.67 -20.71
C PRO B 121 22.78 -49.64 -19.55
N SER B 122 23.26 -49.26 -18.37
CA SER B 122 23.33 -50.16 -17.23
C SER B 122 22.06 -50.17 -16.39
N VAL B 123 21.03 -49.41 -16.78
CA VAL B 123 19.86 -49.21 -15.94
C VAL B 123 18.71 -50.07 -16.47
N ASP B 124 18.09 -50.84 -15.57
CA ASP B 124 16.86 -51.56 -15.87
C ASP B 124 15.70 -50.60 -15.71
N SER B 125 15.09 -50.22 -16.83
CA SER B 125 14.02 -49.21 -16.81
C SER B 125 12.79 -49.68 -16.06
N SER B 126 12.67 -50.98 -15.78
CA SER B 126 11.54 -51.49 -15.01
C SER B 126 11.82 -51.54 -13.52
N LYS B 127 12.98 -51.07 -13.07
CA LYS B 127 13.40 -51.20 -11.68
C LYS B 127 13.90 -49.87 -11.14
N ILE B 128 13.04 -48.85 -11.17
CA ILE B 128 13.40 -47.50 -10.74
C ILE B 128 12.83 -47.24 -9.35
N THR B 129 13.68 -46.79 -8.43
CA THR B 129 13.29 -46.45 -7.07
C THR B 129 13.65 -44.99 -6.80
N LEU B 130 12.71 -44.25 -6.22
CA LEU B 130 12.96 -42.88 -5.80
C LEU B 130 13.34 -42.85 -4.33
N TRP B 131 14.42 -42.15 -4.01
CA TRP B 131 14.96 -42.05 -2.66
C TRP B 131 15.11 -40.57 -2.32
N GLY B 132 14.69 -40.18 -1.12
CA GLY B 132 14.77 -38.79 -0.73
C GLY B 132 14.97 -38.65 0.76
N MET B 133 15.66 -37.59 1.14
CA MET B 133 15.94 -37.29 2.55
C MET B 133 15.38 -35.92 2.89
N SER B 134 14.63 -35.85 3.99
CA SER B 134 14.10 -34.59 4.53
C SER B 134 13.22 -33.96 3.46
N PHE B 135 13.46 -32.71 3.07
CA PHE B 135 12.69 -32.07 2.01
C PHE B 135 12.67 -32.94 0.75
N GLY B 136 13.80 -33.56 0.41
CA GLY B 136 13.86 -34.38 -0.79
C GLY B 136 13.01 -35.63 -0.70
N GLY B 137 12.75 -36.10 0.52
CA GLY B 137 11.89 -37.26 0.68
C GLY B 137 10.44 -36.94 0.39
N THR B 138 9.99 -35.76 0.79
CA THR B 138 8.62 -35.33 0.48
C THR B 138 8.47 -35.02 -1.00
N VAL B 139 9.50 -34.42 -1.60
CA VAL B 139 9.46 -34.15 -3.04
C VAL B 139 9.39 -35.46 -3.83
N SER B 140 10.13 -36.47 -3.38
CA SER B 140 10.11 -37.76 -4.08
C SER B 140 8.72 -38.39 -4.04
N ALA B 141 8.02 -38.24 -2.92
CA ALA B 141 6.67 -38.79 -2.82
C ALA B 141 5.73 -38.13 -3.82
N CYS B 142 5.89 -36.82 -4.03
CA CYS B 142 5.04 -36.12 -4.99
C CYS B 142 5.30 -36.60 -6.41
N ALA B 143 6.58 -36.83 -6.76
CA ALA B 143 6.90 -37.39 -8.06
C ALA B 143 6.41 -38.84 -8.18
N ALA B 144 6.45 -39.60 -7.08
CA ALA B 144 5.98 -40.98 -7.11
C ALA B 144 4.47 -41.06 -7.32
N ALA B 145 3.74 -40.03 -6.88
CA ALA B 145 2.28 -40.05 -7.01
C ALA B 145 1.84 -40.04 -8.47
N VAL B 146 2.61 -39.40 -9.35
CA VAL B 146 2.21 -39.21 -10.73
C VAL B 146 2.88 -40.18 -11.70
N ASP B 147 4.05 -40.72 -11.34
CA ASP B 147 4.86 -41.52 -12.24
C ASP B 147 4.82 -42.99 -11.80
N ARG B 148 4.16 -43.83 -12.62
CA ARG B 148 4.10 -45.26 -12.31
C ARG B 148 5.41 -45.98 -12.63
N ARG B 149 6.37 -45.31 -13.27
CA ARG B 149 7.69 -45.92 -13.44
C ARG B 149 8.42 -46.04 -12.12
N VAL B 150 8.05 -45.25 -11.12
CA VAL B 150 8.63 -45.33 -9.78
C VAL B 150 8.01 -46.55 -9.10
N LYS B 151 8.82 -47.58 -8.85
CA LYS B 151 8.34 -48.83 -8.29
C LYS B 151 8.50 -48.93 -6.79
N ALA B 152 9.27 -48.03 -6.17
CA ALA B 152 9.35 -47.96 -4.72
C ALA B 152 9.74 -46.56 -4.30
N LEU B 153 9.40 -46.22 -3.07
CA LEU B 153 9.63 -44.90 -2.51
C LEU B 153 10.26 -45.03 -1.14
N VAL B 154 11.41 -44.39 -0.94
CA VAL B 154 12.07 -44.33 0.35
C VAL B 154 12.07 -42.88 0.80
N MET B 155 11.46 -42.62 1.96
CA MET B 155 11.39 -41.28 2.53
C MET B 155 12.15 -41.29 3.85
N VAL B 156 13.22 -40.51 3.92
CA VAL B 156 14.04 -40.39 5.12
C VAL B 156 13.72 -39.04 5.76
N CYS B 157 13.27 -39.09 7.02
CA CYS B 157 12.87 -37.93 7.81
C CYS B 157 12.09 -36.88 6.98
N PRO B 158 11.01 -37.27 6.33
CA PRO B 158 10.29 -36.31 5.49
C PRO B 158 9.70 -35.18 6.32
N ILE B 159 9.79 -33.97 5.79
CA ILE B 159 9.20 -32.79 6.41
C ILE B 159 7.91 -32.46 5.67
N LEU B 160 6.84 -32.23 6.43
CA LEU B 160 5.50 -32.12 5.85
C LEU B 160 4.77 -30.83 6.19
N SER B 161 5.37 -29.96 7.00
CA SER B 161 4.79 -28.65 7.28
C SER B 161 5.92 -27.64 7.40
N PHE B 162 5.59 -26.37 7.19
CA PHE B 162 6.63 -25.34 7.07
C PHE B 162 6.29 -24.02 7.75
N TYR B 163 5.04 -23.61 7.82
CA TYR B 163 4.67 -22.32 8.38
C TYR B 163 4.28 -22.45 9.84
N GLN B 164 4.79 -21.55 10.66
CA GLN B 164 4.23 -21.32 12.00
C GLN B 164 3.14 -20.27 11.87
N ALA B 165 1.98 -20.55 12.47
CA ALA B 165 0.82 -19.68 12.29
C ALA B 165 1.11 -18.25 12.73
N GLU B 166 1.99 -18.07 13.71
CA GLU B 166 2.26 -16.73 14.23
C GLU B 166 3.08 -15.90 13.25
N LYS B 167 3.86 -16.55 12.39
CA LYS B 167 4.74 -15.85 11.47
C LYS B 167 4.17 -15.75 10.05
N ARG B 168 2.96 -16.26 9.83
CA ARG B 168 2.42 -16.36 8.48
C ARG B 168 2.23 -14.98 7.84
N ASP B 169 1.47 -14.11 8.50
CA ASP B 169 1.13 -12.83 7.91
C ASP B 169 2.36 -11.96 7.70
N LYS B 170 3.33 -12.04 8.62
CA LYS B 170 4.56 -11.28 8.45
C LYS B 170 5.36 -11.78 7.25
N ALA B 171 5.44 -13.11 7.09
CA ALA B 171 6.16 -13.67 5.96
C ALA B 171 5.46 -13.35 4.64
N PHE B 172 4.12 -13.42 4.62
CA PHE B 172 3.38 -13.07 3.42
C PHE B 172 3.64 -11.63 3.02
N LEU B 173 3.62 -10.71 3.99
CA LEU B 173 3.87 -9.31 3.70
C LEU B 173 5.30 -9.10 3.18
N GLN B 174 6.27 -9.79 3.77
CA GLN B 174 7.64 -9.70 3.29
C GLN B 174 7.77 -10.24 1.87
N LEU B 175 6.97 -11.25 1.52
CA LEU B 175 7.01 -11.79 0.16
C LEU B 175 6.47 -10.77 -0.85
N ILE B 176 5.35 -10.13 -0.52
CA ILE B 176 4.79 -9.12 -1.41
C ILE B 176 5.77 -7.96 -1.60
N ARG B 177 6.44 -7.56 -0.52
CA ARG B 177 7.38 -6.45 -0.60
C ARG B 177 8.61 -6.83 -1.41
N ASP B 178 8.99 -8.11 -1.41
CA ASP B 178 10.07 -8.54 -2.30
C ASP B 178 9.63 -8.46 -3.76
N ARG B 179 8.36 -8.80 -4.05
CA ARG B 179 7.85 -8.66 -5.40
C ARG B 179 7.88 -7.21 -5.86
N GLN B 180 7.45 -6.29 -5.00
CA GLN B 180 7.50 -4.87 -5.36
C GLN B 180 8.94 -4.41 -5.55
N SER B 181 9.86 -4.94 -4.75
CA SER B 181 11.27 -4.60 -4.92
C SER B 181 11.80 -5.13 -6.25
N GLN B 182 11.41 -6.36 -6.62
CA GLN B 182 11.84 -6.91 -7.91
C GLN B 182 11.25 -6.11 -9.06
N LEU B 183 9.99 -5.70 -8.95
CA LEU B 183 9.34 -4.94 -10.01
C LEU B 183 10.01 -3.59 -10.25
N ARG B 184 10.70 -3.05 -9.25
CA ARG B 184 11.47 -1.84 -9.42
C ARG B 184 12.87 -2.10 -9.99
N GLY B 185 13.17 -3.34 -10.36
CA GLY B 185 14.42 -3.66 -11.00
C GLY B 185 15.48 -4.30 -10.12
N ASN B 186 15.16 -4.67 -8.90
CA ASN B 186 16.15 -5.27 -8.00
C ASN B 186 16.16 -6.79 -8.12
N GLU B 187 17.29 -7.37 -7.73
CA GLU B 187 17.42 -8.81 -7.67
C GLU B 187 16.49 -9.38 -6.59
N PRO B 188 16.09 -10.65 -6.73
CA PRO B 188 15.30 -11.28 -5.66
C PRO B 188 16.05 -11.25 -4.34
N PHE B 189 15.33 -10.96 -3.28
CA PHE B 189 15.92 -10.93 -1.95
C PHE B 189 16.42 -12.32 -1.56
N MET B 190 17.68 -12.40 -1.13
CA MET B 190 18.29 -13.64 -0.71
C MET B 190 18.57 -13.59 0.79
N LEU B 191 18.58 -14.76 1.42
CA LEU B 191 18.81 -14.87 2.86
C LEU B 191 19.21 -16.29 3.18
N PRO B 192 19.99 -16.52 4.23
CA PRO B 192 20.27 -17.88 4.68
C PRO B 192 19.01 -18.57 5.13
N PRO B 193 18.84 -19.86 4.83
CA PRO B 193 17.65 -20.57 5.30
C PRO B 193 17.57 -20.67 6.82
N PHE B 194 18.69 -20.47 7.52
CA PHE B 194 18.68 -20.47 8.98
C PHE B 194 19.69 -19.43 9.46
N ASN B 195 19.23 -18.44 10.20
CA ASN B 195 20.09 -17.38 10.71
C ASN B 195 20.98 -17.92 11.83
N SER B 196 21.71 -17.03 12.51
CA SER B 196 22.54 -17.44 13.62
C SER B 196 21.73 -17.86 14.84
N LYS B 197 20.48 -17.42 14.94
CA LYS B 197 19.55 -17.88 15.97
C LYS B 197 18.74 -19.09 15.51
N GLY B 198 19.07 -19.64 14.35
CA GLY B 198 18.34 -20.74 13.77
C GLY B 198 16.94 -20.43 13.29
N GLU B 199 16.64 -19.16 13.00
CA GLU B 199 15.29 -18.76 12.63
C GLU B 199 15.21 -18.47 11.14
N ASN B 200 13.99 -18.41 10.64
CA ASN B 200 13.69 -18.00 9.28
C ASN B 200 12.30 -17.38 9.29
N PRO B 201 11.96 -16.57 8.27
CA PRO B 201 10.71 -15.78 8.35
C PRO B 201 9.43 -16.60 8.49
N ILE B 202 9.40 -17.86 8.03
CA ILE B 202 8.16 -18.64 8.10
C ILE B 202 8.14 -19.63 9.26
N GLY B 203 9.28 -19.89 9.90
CA GLY B 203 9.31 -20.79 11.04
C GLY B 203 9.43 -22.25 10.69
N MET B 204 10.15 -22.58 9.61
CA MET B 204 10.24 -23.96 9.16
C MET B 204 11.41 -24.69 9.80
N ALA B 205 11.29 -26.01 9.87
CA ALA B 205 12.39 -26.91 10.20
C ALA B 205 13.00 -26.60 11.56
N GLY B 206 12.15 -26.32 12.55
CA GLY B 206 12.62 -26.09 13.90
C GLY B 206 13.07 -24.68 14.19
N SER B 207 12.61 -23.70 13.42
CA SER B 207 13.04 -22.32 13.60
C SER B 207 12.65 -21.82 14.99
N GLY B 208 13.62 -21.20 15.67
CA GLY B 208 13.43 -20.71 17.01
C GLY B 208 13.72 -21.70 18.10
N GLY B 209 14.05 -22.95 17.76
CA GLY B 209 14.34 -23.97 18.74
C GLY B 209 15.58 -24.77 18.40
N PRO B 210 15.68 -25.97 18.98
CA PRO B 210 16.87 -26.80 18.74
C PRO B 210 17.08 -27.16 17.28
N GLY B 211 15.99 -27.39 16.54
CA GLY B 211 16.14 -27.82 15.16
C GLY B 211 16.79 -26.77 14.28
N GLY B 212 16.33 -25.53 14.40
CA GLY B 212 16.89 -24.47 13.58
C GLY B 212 18.36 -24.21 13.85
N ILE B 213 18.75 -24.25 15.13
CA ILE B 213 20.14 -24.02 15.49
C ILE B 213 21.03 -25.13 14.93
N GLU B 214 20.56 -26.38 14.99
CA GLU B 214 21.32 -27.48 14.42
C GLU B 214 21.43 -27.35 12.90
N ALA B 215 20.37 -26.86 12.24
CA ALA B 215 20.44 -26.66 10.81
C ALA B 215 21.35 -25.49 10.46
N TYR B 216 21.35 -24.45 11.28
CA TYR B 216 22.26 -23.32 11.05
C TYR B 216 23.71 -23.76 11.13
N GLY B 217 24.05 -24.57 12.14
CA GLY B 217 25.41 -25.07 12.25
C GLY B 217 25.77 -26.02 11.14
N PHE B 218 24.81 -26.80 10.65
CA PHE B 218 25.07 -27.73 9.56
C PHE B 218 25.37 -26.99 8.26
N MET B 219 24.53 -26.01 7.92
CA MET B 219 24.74 -25.24 6.69
C MET B 219 25.98 -24.36 6.78
N GLY B 220 26.36 -23.94 7.98
CA GLY B 220 27.42 -22.97 8.15
C GLY B 220 28.83 -23.51 8.11
N ALA B 221 28.99 -24.84 8.09
CA ALA B 221 30.33 -25.42 8.07
C ALA B 221 30.35 -26.72 7.27
N GLY B 226 33.41 -31.26 -0.81
CA GLY B 226 33.92 -30.84 -2.11
C GLY B 226 32.84 -30.38 -3.06
N ALA B 227 32.14 -29.32 -2.68
CA ALA B 227 31.02 -28.77 -3.45
C ALA B 227 31.26 -27.28 -3.67
N PRO B 228 31.92 -26.91 -4.77
CA PRO B 228 32.21 -25.49 -5.01
C PRO B 228 30.96 -24.64 -5.16
N ASN B 229 29.85 -25.23 -5.61
CA ASN B 229 28.63 -24.47 -5.89
C ASN B 229 27.60 -24.58 -4.77
N PHE B 230 27.98 -25.06 -3.59
CA PHE B 230 27.09 -24.95 -2.44
C PHE B 230 27.02 -23.50 -2.00
N ARG B 231 25.80 -23.00 -1.82
CA ARG B 231 25.57 -21.61 -1.45
C ARG B 231 24.56 -21.55 -0.32
N ASN B 232 25.01 -21.06 0.83
CA ASN B 232 24.19 -21.03 2.05
C ASN B 232 23.19 -19.88 2.01
N LYS B 233 22.33 -19.91 1.00
CA LYS B 233 21.31 -18.89 0.83
C LYS B 233 20.20 -19.43 -0.05
N ILE B 234 19.01 -18.85 0.12
CA ILE B 234 17.85 -19.17 -0.72
C ILE B 234 17.16 -17.87 -1.09
N ALA B 235 16.43 -17.91 -2.19
CA ALA B 235 15.56 -16.79 -2.54
C ALA B 235 14.38 -16.76 -1.57
N LEU B 236 14.02 -15.55 -1.13
CA LEU B 236 12.88 -15.40 -0.23
C LEU B 236 11.61 -15.98 -0.86
N GLN B 237 11.47 -15.85 -2.19
CA GLN B 237 10.29 -16.35 -2.87
C GLN B 237 10.13 -17.86 -2.74
N THR B 238 11.15 -18.57 -2.26
CA THR B 238 10.97 -19.97 -1.88
C THR B 238 9.78 -20.14 -0.96
N TYR B 239 9.63 -19.23 0.00
CA TYR B 239 8.55 -19.33 0.97
C TYR B 239 7.18 -19.16 0.32
N GLN B 240 7.11 -18.43 -0.79
CA GLN B 240 5.85 -18.36 -1.55
C GLN B 240 5.49 -19.73 -2.11
N LYS B 241 6.49 -20.47 -2.59
CA LYS B 241 6.24 -21.81 -3.11
C LYS B 241 5.87 -22.77 -1.99
N LEU B 242 6.46 -22.61 -0.81
CA LEU B 242 6.10 -23.45 0.33
C LEU B 242 4.70 -23.14 0.82
N ALA B 243 4.24 -21.90 0.63
CA ALA B 243 2.90 -21.53 1.09
C ALA B 243 1.83 -22.25 0.28
N TRP B 244 2.04 -22.40 -1.03
CA TRP B 244 1.08 -23.12 -1.86
C TRP B 244 1.12 -24.62 -1.58
N TRP B 245 2.30 -25.16 -1.26
CA TRP B 245 2.49 -26.60 -1.17
C TRP B 245 1.63 -27.22 -0.08
N GLN B 246 0.95 -28.30 -0.41
CA GLN B 246 0.16 -29.08 0.55
C GLN B 246 0.55 -30.56 0.40
N PRO B 247 1.75 -30.92 0.83
CA PRO B 247 2.24 -32.28 0.54
C PRO B 247 1.49 -33.37 1.27
N LYS B 248 0.87 -33.08 2.41
CA LYS B 248 0.06 -34.09 3.08
C LYS B 248 -1.09 -34.55 2.19
N GLU B 249 -1.64 -33.65 1.39
CA GLU B 249 -2.70 -34.03 0.47
C GLU B 249 -2.16 -34.79 -0.74
N ILE B 250 -0.97 -34.41 -1.22
CA ILE B 250 -0.39 -35.11 -2.36
C ILE B 250 0.07 -36.51 -1.96
N LEU B 251 0.56 -36.68 -0.73
CA LEU B 251 0.97 -38.00 -0.27
C LEU B 251 -0.19 -38.98 -0.26
N LYS B 252 -1.42 -38.47 -0.10
CA LYS B 252 -2.60 -39.34 -0.18
C LYS B 252 -2.77 -39.92 -1.58
N LEU B 253 -2.21 -39.28 -2.61
CA LEU B 253 -2.26 -39.83 -3.96
C LEU B 253 -1.32 -41.03 -4.13
N VAL B 254 -0.33 -41.18 -3.26
CA VAL B 254 0.59 -42.30 -3.32
C VAL B 254 -0.09 -43.50 -2.66
N ASP B 255 -0.99 -44.15 -3.41
CA ASP B 255 -1.78 -45.27 -2.88
C ASP B 255 -1.39 -46.62 -3.45
N LYS B 256 -0.29 -46.68 -4.22
CA LYS B 256 0.11 -47.95 -4.83
C LYS B 256 1.59 -48.22 -4.67
N THR B 257 2.40 -47.17 -4.67
CA THR B 257 3.86 -47.32 -4.63
C THR B 257 4.31 -47.85 -3.28
N PRO B 258 4.98 -48.99 -3.22
CA PRO B 258 5.57 -49.43 -1.94
C PRO B 258 6.47 -48.35 -1.37
N VAL B 259 6.26 -48.04 -0.09
CA VAL B 259 6.91 -46.90 0.53
C VAL B 259 7.59 -47.34 1.82
N LEU B 260 8.87 -46.99 1.96
CA LEU B 260 9.61 -47.16 3.21
C LEU B 260 9.87 -45.78 3.79
N MET B 261 9.46 -45.56 5.03
CA MET B 261 9.71 -44.31 5.73
C MET B 261 10.66 -44.56 6.89
N VAL B 262 11.74 -43.77 6.94
CA VAL B 262 12.69 -43.81 8.04
C VAL B 262 12.56 -42.50 8.80
N THR B 263 12.15 -42.60 10.07
CA THR B 263 11.86 -41.44 10.89
C THR B 263 12.80 -41.40 12.09
N PRO B 264 13.43 -40.27 12.36
CA PRO B 264 14.27 -40.17 13.58
C PRO B 264 13.40 -40.01 14.82
N GLU B 265 13.75 -40.75 15.87
CA GLU B 265 12.97 -40.69 17.09
C GLU B 265 12.97 -39.29 17.70
N LEU B 266 14.09 -38.59 17.58
CA LEU B 266 14.20 -37.25 18.17
C LEU B 266 14.44 -36.20 17.09
N ASP B 267 13.54 -36.15 16.12
CA ASP B 267 13.63 -35.17 15.02
C ASP B 267 13.13 -33.83 15.53
N THR B 268 14.04 -32.85 15.62
CA THR B 268 13.71 -31.50 16.07
C THR B 268 13.38 -30.56 14.91
N MET B 269 13.43 -31.04 13.67
CA MET B 269 13.09 -30.23 12.51
C MET B 269 11.79 -30.64 11.84
N SER B 270 11.45 -31.93 11.87
CA SER B 270 10.18 -32.44 11.37
C SER B 270 9.58 -33.32 12.45
N PRO B 271 8.45 -32.93 13.04
CA PRO B 271 7.88 -33.70 14.16
C PRO B 271 7.63 -35.13 13.78
N PRO B 272 8.10 -36.08 14.59
CA PRO B 272 7.84 -37.51 14.29
C PRO B 272 6.37 -37.85 14.23
N GLU B 273 5.53 -37.19 15.03
CA GLU B 273 4.10 -37.44 14.97
C GLU B 273 3.54 -37.09 13.59
N GLU B 274 4.06 -36.02 12.97
CA GLU B 274 3.61 -35.64 11.64
C GLU B 274 4.05 -36.67 10.60
N GLN B 275 5.28 -37.17 10.73
CA GLN B 275 5.75 -38.20 9.81
C GLN B 275 4.97 -39.50 10.00
N LYS B 276 4.74 -39.89 11.25
CA LYS B 276 3.99 -41.12 11.52
C LYS B 276 2.54 -41.00 11.04
N ALA B 277 1.93 -39.83 11.23
CA ALA B 277 0.54 -39.64 10.81
C ALA B 277 0.39 -39.84 9.30
N ALA B 278 1.35 -39.34 8.52
CA ALA B 278 1.30 -39.51 7.07
C ALA B 278 1.52 -40.97 6.69
N PHE B 279 2.40 -41.67 7.42
CA PHE B 279 2.68 -43.07 7.10
C PHE B 279 1.46 -43.94 7.35
N GLU B 280 0.72 -43.69 8.44
CA GLU B 280 -0.42 -44.53 8.78
C GLU B 280 -1.51 -44.48 7.72
N LEU B 281 -1.54 -43.43 6.89
CA LEU B 281 -2.56 -43.31 5.87
C LEU B 281 -2.27 -44.13 4.62
N PHE B 282 -1.04 -44.56 4.42
CA PHE B 282 -0.70 -45.33 3.23
C PHE B 282 -1.42 -46.67 3.26
N PRO B 283 -2.19 -47.02 2.22
CA PRO B 283 -2.88 -48.31 2.20
C PRO B 283 -2.11 -49.46 1.57
N GLN B 284 -1.02 -49.17 0.86
CA GLN B 284 -0.32 -50.18 0.08
C GLN B 284 0.77 -50.85 0.93
N THR B 285 1.59 -51.69 0.29
CA THR B 285 2.73 -52.29 0.97
C THR B 285 3.65 -51.19 1.49
N LYS B 286 4.00 -51.26 2.76
CA LYS B 286 4.78 -50.20 3.38
C LYS B 286 5.56 -50.75 4.57
N LYS B 287 6.59 -50.00 4.97
CA LYS B 287 7.37 -50.34 6.15
C LYS B 287 7.81 -49.05 6.83
N PHE B 288 7.72 -49.04 8.17
CA PHE B 288 8.13 -47.91 8.98
C PHE B 288 9.28 -48.35 9.87
N LEU B 289 10.33 -47.53 9.92
CA LEU B 289 11.45 -47.75 10.83
C LEU B 289 11.79 -46.46 11.54
N GLU B 290 11.83 -46.51 12.86
CA GLU B 290 12.19 -45.38 13.70
C GLU B 290 13.62 -45.56 14.18
N ALA B 291 14.49 -44.62 13.81
CA ALA B 291 15.88 -44.65 14.25
C ALA B 291 15.95 -44.16 15.69
N LYS B 292 16.27 -45.07 16.61
CA LYS B 292 16.28 -44.75 18.03
C LYS B 292 17.30 -43.67 18.34
N GLY B 293 16.86 -42.62 19.02
CA GLY B 293 17.74 -41.58 19.52
C GLY B 293 18.40 -40.72 18.47
N LYS B 294 17.95 -40.75 17.23
CA LYS B 294 18.56 -40.00 16.15
C LYS B 294 17.79 -38.71 15.86
N GLY B 295 18.46 -37.79 15.18
CA GLY B 295 17.88 -36.53 14.79
C GLY B 295 17.67 -36.42 13.29
N HIS B 296 17.26 -35.22 12.87
CA HIS B 296 16.95 -35.00 11.46
C HIS B 296 18.15 -35.24 10.57
N LEU B 297 19.34 -34.82 11.01
CA LEU B 297 20.55 -34.93 10.21
C LEU B 297 21.42 -36.13 10.56
N THR B 298 21.16 -36.80 11.69
CA THR B 298 21.97 -37.92 12.13
C THR B 298 21.29 -39.26 11.92
N VAL B 299 20.12 -39.29 11.28
CA VAL B 299 19.36 -40.54 11.15
C VAL B 299 20.12 -41.57 10.32
N LEU B 300 20.99 -41.13 9.42
CA LEU B 300 21.77 -42.02 8.56
C LEU B 300 23.26 -41.99 8.90
N SER B 301 23.60 -41.66 10.15
CA SER B 301 24.99 -41.51 10.55
C SER B 301 25.20 -42.17 11.90
N GLY B 302 26.42 -42.66 12.11
CA GLY B 302 26.80 -43.19 13.40
C GLY B 302 26.32 -44.61 13.64
N GLU B 303 26.13 -44.94 14.91
CA GLU B 303 25.75 -46.29 15.30
C GLU B 303 24.34 -46.61 14.80
N GLY B 304 24.17 -47.81 14.26
CA GLY B 304 22.90 -48.24 13.72
C GLY B 304 22.58 -47.75 12.33
N SER B 305 23.45 -46.93 11.73
CA SER B 305 23.19 -46.43 10.38
C SER B 305 23.41 -47.51 9.32
N VAL B 306 24.30 -48.47 9.59
CA VAL B 306 24.52 -49.56 8.64
C VAL B 306 23.25 -50.40 8.50
N GLU B 307 22.59 -50.69 9.62
CA GLU B 307 21.38 -51.51 9.57
C GLU B 307 20.22 -50.75 8.91
N VAL B 308 20.19 -49.43 9.04
CA VAL B 308 19.14 -48.65 8.39
C VAL B 308 19.33 -48.69 6.87
N VAL B 309 20.57 -48.57 6.41
CA VAL B 309 20.85 -48.61 4.98
C VAL B 309 20.58 -50.00 4.41
N ASP B 310 20.93 -51.05 5.17
CA ASP B 310 20.63 -52.41 4.74
C ASP B 310 19.13 -52.67 4.73
N ALA B 311 18.39 -52.02 5.62
CA ALA B 311 16.94 -52.10 5.58
C ALA B 311 16.38 -51.46 4.32
N MET B 312 17.02 -50.39 3.84
CA MET B 312 16.61 -49.79 2.59
C MET B 312 16.84 -50.73 1.41
N THR B 313 18.05 -51.28 1.31
CA THR B 313 18.37 -52.19 0.21
C THR B 313 17.48 -53.43 0.24
N GLU B 314 17.16 -53.91 1.44
CA GLU B 314 16.30 -55.09 1.55
C GLU B 314 14.87 -54.77 1.14
N PHE B 315 14.37 -53.61 1.54
CA PHE B 315 13.02 -53.21 1.12
C PHE B 315 12.95 -53.03 -0.40
N ILE B 316 14.02 -52.53 -1.00
CA ILE B 316 14.01 -52.29 -2.44
C ILE B 316 14.11 -53.60 -3.20
N ARG B 317 15.03 -54.48 -2.80
CA ARG B 317 15.14 -55.79 -3.45
C ARG B 317 13.81 -56.55 -3.37
N GLU B 318 13.12 -56.44 -2.24
CA GLU B 318 11.89 -57.21 -2.05
C GLU B 318 10.74 -56.66 -2.89
N ASN B 319 10.67 -55.33 -3.05
CA ASN B 319 9.49 -54.70 -3.64
C ASN B 319 9.65 -54.32 -5.09
N VAL B 320 10.89 -54.22 -5.58
CA VAL B 320 11.21 -53.86 -6.97
C VAL B 320 12.04 -55.01 -7.54
N ALA B 321 11.37 -56.03 -8.09
CA ALA B 321 12.06 -57.19 -8.60
C ALA B 321 11.88 -57.35 -10.11
N GLY B 322 11.32 -56.35 -10.78
CA GLY B 322 11.15 -56.42 -12.22
C GLY B 322 9.86 -57.06 -12.66
N SER C 26 25.29 -1.91 19.07
CA SER C 26 26.60 -1.30 18.87
C SER C 26 26.61 -0.47 17.59
N PHE C 27 27.58 0.45 17.49
CA PHE C 27 27.73 1.28 16.31
C PHE C 27 29.21 1.49 16.03
N GLN C 28 29.50 1.97 14.83
CA GLN C 28 30.85 2.33 14.43
C GLN C 28 30.85 3.75 13.88
N VAL C 29 31.94 4.47 14.14
CA VAL C 29 32.07 5.83 13.62
C VAL C 29 32.34 5.76 12.13
N VAL C 30 31.47 6.35 11.33
CA VAL C 30 31.61 6.38 9.88
C VAL C 30 31.74 7.83 9.43
N GLU C 31 32.74 8.09 8.60
CA GLU C 31 33.00 9.42 8.07
C GLU C 31 32.51 9.50 6.62
N CYS C 32 31.91 10.63 6.27
CA CYS C 32 31.46 10.91 4.92
C CYS C 32 32.15 12.17 4.41
N LYS C 33 32.68 12.11 3.19
CA LYS C 33 33.37 13.23 2.60
C LYS C 33 32.45 13.96 1.63
N THR C 34 32.48 15.28 1.68
CA THR C 34 31.73 16.12 0.76
C THR C 34 32.58 16.44 -0.46
N ILE C 35 31.93 17.05 -1.46
CA ILE C 35 32.64 17.40 -2.69
C ILE C 35 33.69 18.48 -2.44
N ASP C 36 33.54 19.27 -1.39
CA ASP C 36 34.48 20.34 -1.08
C ASP C 36 35.50 19.95 -0.03
N GLY C 37 35.58 18.66 0.32
CA GLY C 37 36.61 18.17 1.21
C GLY C 37 36.26 18.14 2.68
N ILE C 38 35.04 18.50 3.06
CA ILE C 38 34.64 18.50 4.45
C ILE C 38 34.26 17.09 4.88
N ILE C 39 34.68 16.69 6.07
CA ILE C 39 34.42 15.36 6.60
C ILE C 39 33.24 15.43 7.57
N ILE C 40 32.16 14.75 7.21
CA ILE C 40 31.01 14.59 8.10
C ILE C 40 31.22 13.34 8.94
N ARG C 41 31.06 13.47 10.26
CA ARG C 41 31.29 12.38 11.18
C ARG C 41 30.00 11.99 11.87
N GLY C 42 29.82 10.69 12.09
CA GLY C 42 28.60 10.22 12.73
C GLY C 42 28.68 8.77 13.12
N ARG C 43 27.61 8.30 13.75
CA ARG C 43 27.48 6.91 14.20
C ARG C 43 26.71 6.11 13.17
N PHE C 44 27.22 4.91 12.87
CA PHE C 44 26.59 4.00 11.91
C PHE C 44 26.16 2.73 12.65
N TYR C 45 24.86 2.51 12.74
CA TYR C 45 24.31 1.33 13.40
C TYR C 45 24.05 0.27 12.34
N ALA C 46 25.00 -0.64 12.18
CA ALA C 46 24.93 -1.62 11.11
C ALA C 46 24.01 -2.78 11.48
N VAL C 47 23.51 -3.46 10.44
CA VAL C 47 22.74 -4.68 10.60
C VAL C 47 23.43 -5.79 9.81
N ASP C 48 23.11 -7.03 10.17
CA ASP C 48 23.70 -8.18 9.51
C ASP C 48 23.19 -8.30 8.08
N GLY C 49 24.04 -8.81 7.20
CA GLY C 49 23.64 -9.04 5.81
C GLY C 49 23.66 -7.76 5.02
N LYS C 50 22.57 -7.50 4.29
CA LYS C 50 22.47 -6.35 3.41
C LYS C 50 21.03 -5.85 3.45
N GLY C 51 20.79 -4.72 4.11
CA GLY C 51 19.45 -4.20 4.27
C GLY C 51 19.36 -2.71 4.02
N PRO C 52 18.16 -2.16 4.23
CA PRO C 52 17.96 -0.72 3.99
C PRO C 52 18.72 0.13 4.98
N ALA C 53 18.79 1.43 4.68
CA ALA C 53 19.53 2.38 5.48
C ALA C 53 18.67 3.61 5.75
N ILE C 54 18.78 4.14 6.97
CA ILE C 54 18.11 5.37 7.37
C ILE C 54 19.17 6.38 7.80
N ILE C 55 19.12 7.57 7.20
CA ILE C 55 20.04 8.65 7.53
C ILE C 55 19.26 9.71 8.30
N MET C 56 19.69 9.98 9.53
CA MET C 56 18.95 10.83 10.44
C MET C 56 19.68 12.16 10.62
N THR C 57 18.98 13.26 10.35
CA THR C 57 19.56 14.59 10.46
C THR C 57 19.03 15.27 11.72
N PRO C 58 19.89 15.68 12.65
CA PRO C 58 19.40 16.32 13.89
C PRO C 58 18.83 17.69 13.62
N GLY C 59 18.25 18.26 14.69
CA GLY C 59 17.61 19.56 14.61
C GLY C 59 18.59 20.71 14.57
N PHE C 60 18.03 21.92 14.73
CA PHE C 60 18.79 23.16 14.64
C PHE C 60 19.95 23.20 15.63
N ASN C 61 21.17 23.11 15.12
CA ASN C 61 22.41 23.19 15.91
C ASN C 61 22.48 22.07 16.96
N CYS C 62 21.84 20.95 16.69
CA CYS C 62 21.87 19.81 17.60
C CYS C 62 22.91 18.79 17.15
N VAL C 63 23.41 18.01 18.11
CA VAL C 63 24.40 16.99 17.83
C VAL C 63 23.71 15.64 17.76
N LYS C 64 24.41 14.64 17.22
CA LYS C 64 23.83 13.33 16.98
C LYS C 64 23.55 12.56 18.27
N GLU C 65 24.21 12.93 19.37
CA GLU C 65 24.03 12.22 20.62
C GLU C 65 22.71 12.56 21.32
N MET C 66 22.00 13.58 20.86
CA MET C 66 20.78 14.04 21.51
C MET C 66 19.59 13.23 21.00
N LEU C 67 19.05 12.37 21.87
CA LEU C 67 17.80 11.64 21.64
C LEU C 67 17.92 10.61 20.52
N LEU C 68 18.50 10.99 19.39
CA LEU C 68 18.48 10.12 18.22
C LEU C 68 19.14 8.75 18.41
N PRO C 69 20.17 8.57 19.24
CA PRO C 69 20.72 7.21 19.40
C PRO C 69 19.68 6.17 19.85
N ASP C 70 18.71 6.57 20.68
CA ASP C 70 17.71 5.61 21.13
C ASP C 70 16.78 5.20 19.98
N ILE C 71 16.46 6.15 19.09
CA ILE C 71 15.68 5.79 17.91
C ILE C 71 16.50 4.93 16.97
N ALA C 72 17.80 5.23 16.85
CA ALA C 72 18.66 4.45 15.96
C ALA C 72 18.76 3.01 16.41
N GLU C 73 18.90 2.78 17.72
CA GLU C 73 18.96 1.40 18.23
C GLU C 73 17.68 0.65 17.90
N THR C 74 16.53 1.34 18.00
CA THR C 74 15.27 0.71 17.61
C THR C 74 15.25 0.42 16.12
N PHE C 75 15.67 1.39 15.30
CA PHE C 75 15.76 1.17 13.86
C PHE C 75 16.70 0.00 13.55
N GLN C 76 17.82 -0.08 14.26
CA GLN C 76 18.78 -1.16 14.03
C GLN C 76 18.19 -2.51 14.41
N SER C 77 17.50 -2.58 15.55
CA SER C 77 16.90 -3.85 15.99
C SER C 77 15.83 -4.33 15.02
N GLN C 78 15.20 -3.40 14.30
CA GLN C 78 14.18 -3.74 13.31
C GLN C 78 14.76 -3.94 11.92
N GLY C 79 16.08 -4.02 11.79
CA GLY C 79 16.71 -4.38 10.53
C GLY C 79 17.13 -3.25 9.63
N PHE C 80 17.31 -2.04 10.16
CA PHE C 80 17.69 -0.88 9.37
C PHE C 80 19.10 -0.44 9.76
N ASN C 81 20.00 -0.39 8.79
CA ASN C 81 21.22 0.38 8.98
C ASN C 81 20.85 1.82 9.25
N THR C 82 21.41 2.39 10.32
CA THR C 82 21.03 3.74 10.73
C THR C 82 22.28 4.60 10.90
N TYR C 83 22.25 5.79 10.33
CA TYR C 83 23.37 6.73 10.37
C TYR C 83 22.89 8.05 10.96
N ILE C 84 23.35 8.36 12.18
CA ILE C 84 23.18 9.68 12.77
C ILE C 84 24.49 10.42 12.60
N TYR C 85 24.42 11.68 12.19
CA TYR C 85 25.62 12.45 11.90
C TYR C 85 25.48 13.86 12.44
N ASP C 86 26.62 14.46 12.76
CA ASP C 86 26.67 15.88 13.07
C ASP C 86 26.77 16.66 11.77
N PRO C 87 25.86 17.59 11.48
CA PRO C 87 25.95 18.36 10.25
C PRO C 87 27.21 19.21 10.20
N ARG C 88 27.42 19.83 9.04
CA ARG C 88 28.61 20.63 8.81
C ARG C 88 28.77 21.72 9.87
N SER C 89 30.01 21.87 10.36
CA SER C 89 30.42 22.87 11.35
C SER C 89 29.78 22.66 12.71
N ILE C 90 29.20 21.49 12.97
CA ILE C 90 28.53 21.19 14.23
C ILE C 90 29.16 19.92 14.82
N GLY C 91 29.38 19.94 16.13
CA GLY C 91 29.83 18.74 16.82
C GLY C 91 31.19 18.26 16.32
N ASP C 92 31.25 16.97 15.97
CA ASP C 92 32.49 16.35 15.55
C ASP C 92 32.84 16.62 14.10
N SER C 93 31.93 17.17 13.31
CA SER C 93 32.13 17.30 11.87
C SER C 93 32.91 18.56 11.53
N ASP C 94 33.60 18.51 10.40
CA ASP C 94 34.35 19.66 9.91
C ASP C 94 33.38 20.78 9.50
N GLY C 95 33.95 21.93 9.18
CA GLY C 95 33.16 23.06 8.75
C GLY C 95 33.53 24.35 9.46
N SER C 96 33.85 25.39 8.68
CA SER C 96 34.22 26.68 9.23
C SER C 96 33.47 27.77 8.49
N PRO C 97 32.92 28.76 9.21
CA PRO C 97 32.98 28.91 10.67
C PRO C 97 32.10 27.91 11.42
N LYS C 98 32.39 27.70 12.70
CA LYS C 98 31.69 26.70 13.49
C LYS C 98 30.26 27.14 13.76
N ASN C 99 29.34 26.17 13.71
CA ASN C 99 27.93 26.38 14.04
C ASN C 99 27.30 27.44 13.14
N LEU C 100 27.60 27.37 11.84
CA LEU C 100 26.95 28.20 10.84
C LEU C 100 25.90 27.32 10.15
N ILE C 101 24.64 27.46 10.57
CA ILE C 101 23.57 26.60 10.08
C ILE C 101 23.22 27.09 8.67
N ASP C 102 23.74 26.39 7.66
CA ASP C 102 23.40 26.64 6.25
C ASP C 102 22.50 25.51 5.78
N PRO C 103 21.17 25.69 5.80
CA PRO C 103 20.28 24.57 5.47
C PRO C 103 20.45 24.05 4.05
N LEU C 104 20.66 24.92 3.08
CA LEU C 104 20.86 24.48 1.70
C LEU C 104 22.15 23.67 1.57
N GLN C 105 23.20 24.07 2.30
CA GLN C 105 24.43 23.29 2.28
C GLN C 105 24.25 21.95 2.97
N GLN C 106 23.48 21.94 4.07
CA GLN C 106 23.16 20.68 4.72
C GLN C 106 22.43 19.73 3.78
N ALA C 107 21.49 20.26 3.00
CA ALA C 107 20.78 19.45 2.01
C ALA C 107 21.75 18.88 0.98
N GLU C 108 22.67 19.72 0.49
CA GLU C 108 23.64 19.25 -0.49
C GLU C 108 24.60 18.23 0.12
N ASP C 109 25.00 18.45 1.39
CA ASP C 109 25.85 17.48 2.07
C ASP C 109 25.17 16.12 2.17
N LEU C 110 23.84 16.10 2.30
CA LEU C 110 23.10 14.85 2.41
C LEU C 110 23.26 13.99 1.16
N ALA C 111 23.37 14.62 -0.01
CA ALA C 111 23.61 13.86 -1.24
C ALA C 111 24.93 13.12 -1.17
N ASP C 112 25.97 13.79 -0.68
CA ASP C 112 27.26 13.13 -0.50
C ASP C 112 27.21 12.09 0.61
N ILE C 113 26.41 12.34 1.65
CA ILE C 113 26.24 11.35 2.71
C ILE C 113 25.56 10.10 2.17
N VAL C 114 24.50 10.28 1.38
CA VAL C 114 23.84 9.15 0.72
C VAL C 114 24.83 8.38 -0.13
N THR C 115 25.72 9.09 -0.83
CA THR C 115 26.69 8.44 -1.70
C THR C 115 27.57 7.47 -0.91
N HIS C 116 28.12 7.92 0.22
CA HIS C 116 29.01 7.06 0.99
C HIS C 116 28.24 5.96 1.70
N ILE C 117 27.10 6.29 2.31
CA ILE C 117 26.33 5.30 3.04
C ILE C 117 25.86 4.19 2.09
N SER C 118 25.49 4.56 0.86
CA SER C 118 25.04 3.57 -0.11
C SER C 118 26.15 2.61 -0.55
N SER C 119 27.41 2.98 -0.35
CA SER C 119 28.53 2.15 -0.76
C SER C 119 28.99 1.17 0.32
N LEU C 120 28.42 1.24 1.52
CA LEU C 120 28.85 0.38 2.61
C LEU C 120 28.40 -1.06 2.35
N PRO C 121 29.18 -2.05 2.82
CA PRO C 121 28.89 -3.44 2.46
C PRO C 121 27.54 -3.95 2.95
N SER C 122 27.06 -3.46 4.09
CA SER C 122 25.82 -3.93 4.67
C SER C 122 24.60 -3.12 4.24
N VAL C 123 24.73 -2.30 3.20
CA VAL C 123 23.69 -1.36 2.80
C VAL C 123 23.15 -1.75 1.43
N ASP C 124 21.83 -1.86 1.33
CA ASP C 124 21.15 -1.96 0.05
C ASP C 124 20.97 -0.54 -0.50
N SER C 125 21.74 -0.20 -1.53
CA SER C 125 21.71 1.15 -2.07
C SER C 125 20.35 1.51 -2.67
N SER C 126 19.50 0.53 -2.93
CA SER C 126 18.20 0.76 -3.53
C SER C 126 17.11 1.07 -2.50
N LYS C 127 17.44 1.07 -1.21
CA LYS C 127 16.47 1.29 -0.14
C LYS C 127 17.04 2.31 0.85
N ILE C 128 17.16 3.56 0.40
CA ILE C 128 17.68 4.65 1.22
C ILE C 128 16.53 5.52 1.67
N THR C 129 16.47 5.82 2.96
CA THR C 129 15.45 6.68 3.54
C THR C 129 16.12 7.85 4.24
N LEU C 130 15.61 9.05 4.00
CA LEU C 130 16.05 10.25 4.71
C LEU C 130 15.10 10.53 5.86
N TRP C 131 15.65 10.67 7.06
CA TRP C 131 14.90 10.92 8.28
C TRP C 131 15.41 12.22 8.89
N GLY C 132 14.48 13.06 9.35
CA GLY C 132 14.88 14.34 9.92
C GLY C 132 13.94 14.87 10.97
N MET C 133 14.50 15.43 12.05
CA MET C 133 13.73 15.97 13.16
C MET C 133 13.85 17.48 13.18
N SER C 134 12.70 18.16 13.26
CA SER C 134 12.62 19.61 13.42
C SER C 134 13.31 20.28 12.24
N PHE C 135 14.31 21.15 12.46
CA PHE C 135 15.06 21.76 11.36
C PHE C 135 15.62 20.71 10.40
N GLY C 136 16.00 19.55 10.93
CA GLY C 136 16.53 18.49 10.08
C GLY C 136 15.49 17.88 9.16
N GLY C 137 14.23 17.83 9.60
CA GLY C 137 13.18 17.31 8.75
C GLY C 137 12.98 18.15 7.50
N THR C 138 12.97 19.46 7.66
CA THR C 138 12.86 20.35 6.50
C THR C 138 14.10 20.24 5.62
N VAL C 139 15.29 20.15 6.23
CA VAL C 139 16.52 19.97 5.47
C VAL C 139 16.47 18.66 4.69
N SER C 140 16.05 17.58 5.35
CA SER C 140 15.97 16.28 4.68
C SER C 140 15.03 16.32 3.48
N ALA C 141 13.93 17.06 3.59
CA ALA C 141 12.99 17.16 2.48
C ALA C 141 13.61 17.89 1.30
N CYS C 142 14.45 18.89 1.56
CA CYS C 142 15.12 19.60 0.47
C CYS C 142 16.09 18.67 -0.27
N ALA C 143 16.76 17.79 0.47
CA ALA C 143 17.64 16.82 -0.16
C ALA C 143 16.85 15.76 -0.94
N ALA C 144 15.66 15.42 -0.46
CA ALA C 144 14.84 14.44 -1.17
C ALA C 144 14.33 14.99 -2.49
N ALA C 145 14.17 16.31 -2.59
CA ALA C 145 13.62 16.91 -3.80
C ALA C 145 14.51 16.67 -5.01
N VAL C 146 15.83 16.60 -4.82
CA VAL C 146 16.77 16.52 -5.93
C VAL C 146 17.41 15.14 -6.10
N ASP C 147 17.27 14.25 -5.12
CA ASP C 147 17.98 12.97 -5.12
C ASP C 147 16.97 11.83 -5.16
N ARG C 148 16.78 11.25 -6.36
CA ARG C 148 15.86 10.12 -6.50
C ARG C 148 16.34 8.86 -5.78
N ARG C 149 17.61 8.81 -5.36
CA ARG C 149 18.07 7.69 -4.55
C ARG C 149 17.36 7.64 -3.21
N VAL C 150 16.77 8.74 -2.78
CA VAL C 150 15.99 8.77 -1.54
C VAL C 150 14.61 8.19 -1.85
N LYS C 151 14.33 7.01 -1.29
CA LYS C 151 13.08 6.32 -1.58
C LYS C 151 11.98 6.62 -0.56
N ALA C 152 12.32 7.13 0.61
CA ALA C 152 11.33 7.46 1.62
C ALA C 152 11.82 8.66 2.42
N LEU C 153 10.87 9.49 2.83
CA LEU C 153 11.16 10.70 3.60
C LEU C 153 10.30 10.72 4.85
N VAL C 154 10.94 10.95 6.00
CA VAL C 154 10.25 11.09 7.28
C VAL C 154 10.64 12.43 7.87
N MET C 155 9.64 13.30 8.07
CA MET C 155 9.85 14.63 8.63
C MET C 155 9.17 14.70 9.98
N VAL C 156 9.95 14.89 11.04
CA VAL C 156 9.43 15.03 12.40
C VAL C 156 9.44 16.50 12.77
N CYS C 157 8.27 17.02 13.16
CA CYS C 157 8.00 18.40 13.51
C CYS C 157 8.83 19.39 12.70
N PRO C 158 8.72 19.39 11.37
CA PRO C 158 9.57 20.28 10.57
C PRO C 158 9.20 21.73 10.76
N ILE C 159 10.21 22.59 10.75
N ILE C 159 10.23 22.59 10.76
CA ILE C 159 10.02 24.04 10.87
CA ILE C 159 10.07 24.04 10.85
C ILE C 159 10.12 24.64 9.48
C ILE C 159 10.11 24.61 9.45
N LEU C 160 9.11 25.42 9.10
CA LEU C 160 8.98 25.93 7.74
C LEU C 160 9.05 27.45 7.62
N SER C 161 9.17 28.17 8.73
CA SER C 161 9.35 29.62 8.68
C SER C 161 10.23 30.04 9.86
N PHE C 162 10.82 31.22 9.74
CA PHE C 162 11.86 31.61 10.69
C PHE C 162 11.79 33.08 11.08
N TYR C 163 11.50 33.96 10.13
CA TYR C 163 11.53 35.40 10.39
C TYR C 163 10.16 35.90 10.81
N GLN C 164 10.13 36.68 11.89
CA GLN C 164 8.98 37.52 12.21
C GLN C 164 9.14 38.84 11.48
N ALA C 165 8.12 39.23 10.72
CA ALA C 165 8.25 40.35 9.81
C ALA C 165 8.64 41.64 10.52
N GLU C 166 8.25 41.78 11.80
CA GLU C 166 8.52 43.01 12.53
C GLU C 166 9.96 43.08 13.03
N LYS C 167 10.67 41.95 13.07
CA LYS C 167 12.08 41.93 13.44
C LYS C 167 13.00 41.86 12.23
N ARG C 168 12.44 41.94 11.01
CA ARG C 168 13.19 41.67 9.80
C ARG C 168 14.30 42.70 9.59
N ASP C 169 13.92 43.99 9.54
CA ASP C 169 14.90 45.02 9.17
C ASP C 169 15.98 45.17 10.22
N LYS C 170 15.63 45.05 11.50
CA LYS C 170 16.64 45.14 12.56
C LYS C 170 17.63 43.99 12.46
N ALA C 171 17.14 42.77 12.22
CA ALA C 171 18.04 41.62 12.08
C ALA C 171 18.90 41.75 10.83
N PHE C 172 18.32 42.23 9.73
CA PHE C 172 19.10 42.43 8.50
C PHE C 172 20.24 43.40 8.74
N LEU C 173 19.98 44.50 9.43
CA LEU C 173 21.03 45.47 9.73
C LEU C 173 22.11 44.84 10.62
N GLN C 174 21.71 43.95 11.53
CA GLN C 174 22.68 43.27 12.37
C GLN C 174 23.59 42.36 11.54
N LEU C 175 23.03 41.75 10.50
CA LEU C 175 23.83 40.88 9.63
C LEU C 175 24.85 41.68 8.83
N ILE C 176 24.42 42.80 8.26
CA ILE C 176 25.34 43.62 7.46
C ILE C 176 26.48 44.15 8.33
N ARG C 177 26.18 44.54 9.56
CA ARG C 177 27.22 45.05 10.45
C ARG C 177 28.18 43.95 10.87
N ASP C 178 27.69 42.71 11.01
CA ASP C 178 28.60 41.59 11.27
C ASP C 178 29.51 41.34 10.08
N ARG C 179 28.98 41.45 8.86
CA ARG C 179 29.83 41.36 7.68
C ARG C 179 30.93 42.41 7.72
N GLN C 180 30.56 43.66 8.00
CA GLN C 180 31.56 44.72 8.10
C GLN C 180 32.56 44.43 9.22
N SER C 181 32.10 43.87 10.34
CA SER C 181 33.01 43.52 11.42
C SER C 181 33.97 42.42 10.99
N GLN C 182 33.49 41.46 10.22
CA GLN C 182 34.37 40.41 9.71
C GLN C 182 35.37 40.96 8.71
N LEU C 183 34.95 41.93 7.90
CA LEU C 183 35.87 42.54 6.95
C LEU C 183 36.99 43.29 7.67
N ARG C 184 36.71 43.84 8.85
CA ARG C 184 37.72 44.49 9.66
C ARG C 184 38.63 43.49 10.37
N GLY C 185 38.41 42.18 10.19
CA GLY C 185 39.27 41.17 10.75
C GLY C 185 38.71 40.43 11.94
N ASN C 186 37.53 40.78 12.42
CA ASN C 186 36.98 40.15 13.62
C ASN C 186 36.38 38.78 13.28
N GLU C 187 36.16 37.99 14.32
CA GLU C 187 35.52 36.70 14.17
C GLU C 187 34.03 36.88 13.91
N PRO C 188 33.39 35.92 13.24
CA PRO C 188 31.93 35.99 13.06
C PRO C 188 31.23 36.07 14.41
N PHE C 189 30.22 36.93 14.50
CA PHE C 189 29.50 37.09 15.74
C PHE C 189 28.74 35.81 16.09
N MET C 190 28.87 35.38 17.33
CA MET C 190 28.18 34.20 17.84
C MET C 190 27.18 34.62 18.90
N LEU C 191 26.14 33.81 19.06
CA LEU C 191 25.09 34.10 20.03
C LEU C 191 24.31 32.82 20.29
N PRO C 192 23.69 32.68 21.45
CA PRO C 192 22.83 31.52 21.70
C PRO C 192 21.63 31.55 20.78
N PRO C 193 21.19 30.38 20.29
CA PRO C 193 19.98 30.36 19.46
C PRO C 193 18.74 30.87 20.17
N PHE C 194 18.72 30.82 21.51
CA PHE C 194 17.65 31.37 22.32
C PHE C 194 18.26 31.92 23.59
N ASN C 195 17.86 33.14 23.97
CA ASN C 195 18.39 33.75 25.18
C ASN C 195 17.47 33.39 26.36
N SER C 196 17.74 33.98 27.52
CA SER C 196 16.97 33.66 28.73
C SER C 196 15.50 34.04 28.57
N LYS C 197 15.21 35.06 27.78
CA LYS C 197 13.82 35.40 27.45
C LYS C 197 13.21 34.44 26.44
N GLY C 198 13.99 33.49 25.93
CA GLY C 198 13.51 32.61 24.89
C GLY C 198 13.43 33.22 23.52
N GLU C 199 14.17 34.31 23.29
CA GLU C 199 14.07 35.06 22.05
C GLU C 199 15.40 35.04 21.30
N ASN C 200 15.32 35.37 20.02
CA ASN C 200 16.47 35.49 19.13
C ASN C 200 16.18 36.64 18.17
N PRO C 201 17.22 37.18 17.50
CA PRO C 201 17.02 38.41 16.72
C PRO C 201 15.97 38.30 15.62
N ILE C 202 15.72 37.11 15.07
CA ILE C 202 14.78 36.99 13.95
C ILE C 202 13.41 36.49 14.38
N GLY C 203 13.25 35.98 15.59
CA GLY C 203 11.96 35.53 16.06
C GLY C 203 11.59 34.13 15.64
N MET C 204 12.56 33.23 15.54
CA MET C 204 12.31 31.89 15.03
C MET C 204 12.01 30.91 16.16
N ALA C 205 11.24 29.88 15.82
CA ALA C 205 11.05 28.71 16.68
C ALA C 205 10.45 29.08 18.04
N GLY C 206 9.38 29.87 17.99
CA GLY C 206 8.67 30.23 19.21
C GLY C 206 9.28 31.37 20.00
N SER C 207 10.14 32.18 19.38
CA SER C 207 10.73 33.32 20.08
C SER C 207 9.65 34.32 20.49
N GLY C 208 9.71 34.75 21.74
CA GLY C 208 8.70 35.64 22.29
C GLY C 208 7.53 34.95 22.94
N GLY C 209 7.51 33.62 22.98
CA GLY C 209 6.45 32.87 23.59
C GLY C 209 6.95 31.70 24.39
N PRO C 210 6.03 30.81 24.79
CA PRO C 210 6.45 29.65 25.60
C PRO C 210 7.39 28.71 24.87
N GLY C 211 7.32 28.64 23.54
CA GLY C 211 8.18 27.75 22.79
C GLY C 211 9.64 28.12 22.89
N GLY C 212 9.96 29.39 22.68
CA GLY C 212 11.34 29.83 22.79
C GLY C 212 11.89 29.67 24.19
N ILE C 213 11.05 29.86 25.21
CA ILE C 213 11.50 29.67 26.58
C ILE C 213 11.81 28.21 26.85
N GLU C 214 11.00 27.30 26.29
CA GLU C 214 11.27 25.88 26.45
C GLU C 214 12.55 25.48 25.72
N ALA C 215 12.81 26.11 24.56
CA ALA C 215 14.02 25.78 23.81
C ALA C 215 15.27 26.28 24.54
N TYR C 216 15.17 27.42 25.21
CA TYR C 216 16.30 27.95 25.96
C TYR C 216 16.71 27.00 27.08
N GLY C 217 15.73 26.48 27.83
CA GLY C 217 16.04 25.53 28.88
C GLY C 217 16.53 24.20 28.34
N PHE C 218 15.96 23.77 27.21
CA PHE C 218 16.38 22.51 26.60
C PHE C 218 17.83 22.59 26.13
N MET C 219 18.20 23.69 25.46
CA MET C 219 19.57 23.87 25.01
C MET C 219 20.53 24.05 26.18
N GLY C 220 20.06 24.62 27.29
CA GLY C 220 20.91 24.77 28.46
C GLY C 220 21.28 23.45 29.10
N ALA C 221 20.41 22.46 29.00
CA ALA C 221 20.69 21.14 29.55
C ALA C 221 21.75 20.41 28.73
N ALA C 227 28.03 13.98 24.79
CA ALA C 227 28.63 14.70 23.68
C ALA C 227 29.48 15.87 24.17
N PRO C 228 30.78 15.83 23.90
CA PRO C 228 31.67 16.88 24.41
C PRO C 228 31.67 18.15 23.59
N ASN C 229 31.24 18.10 22.33
CA ASN C 229 31.34 19.26 21.45
C ASN C 229 29.97 19.78 21.00
N PHE C 230 28.94 19.55 21.81
CA PHE C 230 27.71 20.32 21.65
C PHE C 230 27.97 21.74 22.13
N ARG C 231 27.73 22.71 21.26
CA ARG C 231 28.01 24.10 21.56
C ARG C 231 26.72 24.90 21.43
N ASN C 232 26.30 25.53 22.52
CA ASN C 232 25.04 26.26 22.56
C ASN C 232 25.17 27.68 22.03
N LYS C 233 25.77 27.81 20.84
CA LYS C 233 25.82 29.09 20.15
C LYS C 233 25.86 28.82 18.65
N ILE C 234 25.36 29.77 17.88
CA ILE C 234 25.38 29.72 16.43
C ILE C 234 26.02 30.99 15.90
N ALA C 235 26.61 30.90 14.71
CA ALA C 235 27.08 32.10 14.03
C ALA C 235 25.89 32.94 13.61
N LEU C 236 26.01 34.26 13.80
CA LEU C 236 24.91 35.16 13.45
C LEU C 236 24.56 35.05 11.97
N GLN C 237 25.55 34.79 11.11
CA GLN C 237 25.29 34.68 9.68
C GLN C 237 24.34 33.55 9.32
N THR C 238 24.02 32.66 10.28
CA THR C 238 22.97 31.68 10.06
C THR C 238 21.67 32.33 9.62
N TYR C 239 21.34 33.48 10.23
CA TYR C 239 20.11 34.18 9.89
C TYR C 239 20.12 34.71 8.46
N GLN C 240 21.31 34.96 7.89
CA GLN C 240 21.39 35.34 6.49
C GLN C 240 21.02 34.17 5.58
N LYS C 241 21.50 32.97 5.90
CA LYS C 241 21.11 31.79 5.16
C LYS C 241 19.61 31.51 5.32
N LEU C 242 19.08 31.75 6.52
CA LEU C 242 17.65 31.54 6.75
C LEU C 242 16.80 32.53 5.97
N ALA C 243 17.33 33.73 5.72
CA ALA C 243 16.58 34.72 4.94
C ALA C 243 16.42 34.28 3.50
N TRP C 244 17.45 33.65 2.93
CA TRP C 244 17.34 33.15 1.56
C TRP C 244 16.41 31.95 1.47
N TRP C 245 16.41 31.11 2.50
CA TRP C 245 15.74 29.82 2.44
C TRP C 245 14.23 29.99 2.29
N GLN C 246 13.68 29.39 1.24
CA GLN C 246 12.24 29.31 1.01
C GLN C 246 11.83 27.84 1.00
N PRO C 247 11.84 27.18 2.16
CA PRO C 247 11.61 25.74 2.17
C PRO C 247 10.21 25.34 1.74
N LYS C 248 9.20 26.19 1.95
CA LYS C 248 7.86 25.86 1.51
C LYS C 248 7.78 25.71 -0.01
N GLU C 249 8.57 26.48 -0.75
CA GLU C 249 8.59 26.35 -2.20
C GLU C 249 9.39 25.14 -2.64
N ILE C 250 10.48 24.82 -1.94
CA ILE C 250 11.28 23.67 -2.30
C ILE C 250 10.55 22.37 -2.00
N LEU C 251 9.74 22.35 -0.94
CA LEU C 251 8.96 21.15 -0.64
C LEU C 251 7.89 20.88 -1.69
N LYS C 252 7.54 21.89 -2.50
CA LYS C 252 6.65 21.65 -3.63
C LYS C 252 7.33 20.85 -4.73
N LEU C 253 8.67 20.78 -4.72
CA LEU C 253 9.39 19.95 -5.68
C LEU C 253 9.38 18.48 -5.30
N VAL C 254 9.18 18.16 -4.02
CA VAL C 254 9.09 16.79 -3.55
C VAL C 254 7.72 16.22 -3.92
N ASP C 255 7.57 15.79 -5.16
CA ASP C 255 6.29 15.30 -5.66
C ASP C 255 6.28 13.80 -5.95
N LYS C 256 7.36 13.09 -5.64
CA LYS C 256 7.42 11.66 -5.95
C LYS C 256 7.78 10.83 -4.72
N THR C 257 8.57 11.40 -3.82
CA THR C 257 9.07 10.64 -2.68
C THR C 257 7.97 10.41 -1.66
N PRO C 258 7.67 9.16 -1.29
CA PRO C 258 6.70 8.92 -0.22
C PRO C 258 7.16 9.58 1.07
N VAL C 259 6.27 10.34 1.69
CA VAL C 259 6.62 11.21 2.80
C VAL C 259 5.71 10.91 4.00
N LEU C 260 6.32 10.74 5.16
CA LEU C 260 5.60 10.63 6.43
C LEU C 260 5.94 11.85 7.28
N MET C 261 4.91 12.52 7.78
CA MET C 261 5.09 13.68 8.65
C MET C 261 4.49 13.38 10.01
N VAL C 262 5.30 13.53 11.05
CA VAL C 262 4.85 13.41 12.44
C VAL C 262 4.87 14.81 13.04
N THR C 263 3.67 15.32 13.34
CA THR C 263 3.50 16.68 13.84
C THR C 263 3.00 16.65 15.28
N PRO C 264 3.63 17.41 16.18
CA PRO C 264 3.13 17.47 17.55
C PRO C 264 1.87 18.32 17.63
N GLU C 265 0.87 17.83 18.37
CA GLU C 265 -0.39 18.55 18.49
C GLU C 265 -0.18 19.91 19.14
N LEU C 266 0.64 19.98 20.19
CA LEU C 266 0.87 21.23 20.91
C LEU C 266 2.25 21.77 20.61
N ASP C 267 2.61 21.87 19.33
CA ASP C 267 3.91 22.40 18.93
C ASP C 267 3.88 23.91 19.04
N THR C 268 4.63 24.45 20.01
CA THR C 268 4.72 25.88 20.21
C THR C 268 5.96 26.51 19.55
N MET C 269 6.73 25.71 18.81
CA MET C 269 7.88 26.21 18.07
C MET C 269 7.69 26.17 16.56
N SER C 270 6.93 25.22 16.05
CA SER C 270 6.54 25.17 14.65
C SER C 270 5.03 25.01 14.59
N PRO C 271 4.28 26.02 14.17
CA PRO C 271 2.82 25.95 14.19
C PRO C 271 2.32 24.73 13.43
N PRO C 272 1.56 23.86 14.09
CA PRO C 272 1.07 22.65 13.40
C PRO C 272 0.30 22.94 12.14
N GLU C 273 -0.40 24.08 12.06
CA GLU C 273 -1.10 24.44 10.84
C GLU C 273 -0.14 24.71 9.70
N GLU C 274 1.07 25.18 10.01
CA GLU C 274 2.09 25.36 8.98
C GLU C 274 2.61 24.02 8.49
N GLN C 275 2.85 23.08 9.41
CA GLN C 275 3.23 21.73 9.02
C GLN C 275 2.10 21.06 8.23
N LYS C 276 0.85 21.27 8.65
CA LYS C 276 -0.27 20.69 7.93
C LYS C 276 -0.46 21.32 6.56
N ALA C 277 -0.18 22.62 6.44
CA ALA C 277 -0.31 23.28 5.15
C ALA C 277 0.69 22.74 4.14
N ALA C 278 1.90 22.41 4.60
CA ALA C 278 2.89 21.84 3.70
C ALA C 278 2.56 20.40 3.33
N PHE C 279 2.15 19.59 4.31
CA PHE C 279 1.81 18.20 4.04
C PHE C 279 0.68 18.09 3.03
N GLU C 280 -0.26 19.04 3.04
CA GLU C 280 -1.40 18.99 2.13
C GLU C 280 -0.95 19.08 0.66
N LEU C 281 0.12 19.83 0.39
CA LEU C 281 0.53 20.07 -0.98
C LEU C 281 1.09 18.82 -1.65
N PHE C 282 1.59 17.86 -0.88
CA PHE C 282 2.21 16.67 -1.44
C PHE C 282 1.21 15.85 -2.25
N PRO C 283 1.41 15.70 -3.56
CA PRO C 283 0.48 14.89 -4.37
C PRO C 283 0.79 13.40 -4.39
N GLN C 284 1.96 12.98 -3.91
CA GLN C 284 2.37 11.59 -3.96
C GLN C 284 1.86 10.84 -2.73
N THR C 285 2.25 9.57 -2.63
CA THR C 285 1.91 8.76 -1.46
C THR C 285 2.44 9.43 -0.19
N LYS C 286 1.58 9.55 0.81
CA LYS C 286 1.94 10.26 2.03
C LYS C 286 1.11 9.76 3.20
N LYS C 287 1.60 10.02 4.41
CA LYS C 287 0.90 9.68 5.64
C LYS C 287 1.21 10.74 6.69
N PHE C 288 0.17 11.12 7.45
CA PHE C 288 0.28 12.15 8.47
C PHE C 288 -0.07 11.56 9.83
N LEU C 289 0.77 11.84 10.83
CA LEU C 289 0.51 11.42 12.20
C LEU C 289 0.64 12.63 13.12
N GLU C 290 -0.37 12.85 13.95
CA GLU C 290 -0.35 13.90 14.95
C GLU C 290 -0.14 13.28 16.32
N ALA C 291 0.96 13.65 16.97
CA ALA C 291 1.25 13.18 18.32
C ALA C 291 0.45 14.01 19.31
N LYS C 292 -0.56 13.39 19.93
CA LYS C 292 -1.47 14.13 20.81
C LYS C 292 -0.74 14.58 22.07
N GLY C 293 -0.98 15.83 22.45
CA GLY C 293 -0.45 16.38 23.68
C GLY C 293 1.04 16.56 23.74
N LYS C 294 1.74 16.38 22.62
CA LYS C 294 3.19 16.53 22.57
C LYS C 294 3.58 17.88 22.00
N GLY C 295 4.81 18.29 22.32
CA GLY C 295 5.38 19.51 21.80
C GLY C 295 6.50 19.25 20.81
N HIS C 296 7.19 20.34 20.45
CA HIS C 296 8.25 20.26 19.45
C HIS C 296 9.36 19.32 19.89
N LEU C 297 9.72 19.36 21.17
CA LEU C 297 10.87 18.59 21.68
C LEU C 297 10.48 17.26 22.31
N THR C 298 9.21 17.06 22.64
CA THR C 298 8.76 15.85 23.30
C THR C 298 8.01 14.90 22.37
N VAL C 299 7.95 15.22 21.07
CA VAL C 299 7.15 14.44 20.13
C VAL C 299 7.62 13.01 20.00
N LEU C 300 8.87 12.72 20.36
CA LEU C 300 9.43 11.38 20.27
C LEU C 300 9.91 10.89 21.64
N SER C 301 9.14 11.16 22.68
CA SER C 301 9.49 10.72 24.03
C SER C 301 8.22 10.47 24.81
N GLY C 302 8.34 9.66 25.86
CA GLY C 302 7.22 9.39 26.74
C GLY C 302 6.22 8.42 26.12
N GLU C 303 4.98 8.51 26.62
CA GLU C 303 3.92 7.65 26.15
C GLU C 303 3.62 7.93 24.68
N GLY C 304 3.36 6.86 23.93
CA GLY C 304 3.09 6.97 22.50
C GLY C 304 4.32 7.01 21.63
N SER C 305 5.51 7.22 22.20
CA SER C 305 6.72 7.31 21.37
C SER C 305 7.04 5.98 20.72
N VAL C 306 6.87 4.87 21.45
CA VAL C 306 7.07 3.55 20.86
C VAL C 306 6.11 3.33 19.70
N GLU C 307 4.86 3.78 19.86
CA GLU C 307 3.89 3.66 18.79
C GLU C 307 4.30 4.48 17.57
N VAL C 308 4.83 5.69 17.80
CA VAL C 308 5.20 6.57 16.69
C VAL C 308 6.41 6.02 15.95
N VAL C 309 7.41 5.52 16.68
CA VAL C 309 8.60 5.00 16.03
C VAL C 309 8.29 3.75 15.22
N ASP C 310 7.39 2.90 15.74
CA ASP C 310 6.98 1.71 14.99
C ASP C 310 6.26 2.09 13.70
N ALA C 311 5.52 3.21 13.72
CA ALA C 311 4.85 3.66 12.50
C ALA C 311 5.86 4.16 11.47
N MET C 312 7.02 4.61 11.91
CA MET C 312 8.04 5.08 10.97
C MET C 312 8.62 3.91 10.16
N THR C 313 8.99 2.83 10.85
CA THR C 313 9.53 1.67 10.15
C THR C 313 8.48 1.02 9.27
N GLU C 314 7.22 1.02 9.71
CA GLU C 314 6.14 0.46 8.89
C GLU C 314 5.97 1.26 7.60
N PHE C 315 5.95 2.59 7.70
CA PHE C 315 5.82 3.42 6.51
C PHE C 315 6.97 3.18 5.54
N ILE C 316 8.19 3.08 6.07
CA ILE C 316 9.35 2.84 5.21
C ILE C 316 9.22 1.49 4.51
N ARG C 317 9.01 0.43 5.28
CA ARG C 317 8.88 -0.90 4.69
C ARG C 317 7.71 -0.96 3.70
N GLU C 318 6.62 -0.27 4.01
CA GLU C 318 5.48 -0.25 3.10
C GLU C 318 5.81 0.43 1.78
N ASN C 319 6.80 1.34 1.79
CA ASN C 319 7.14 2.11 0.60
C ASN C 319 8.55 1.89 0.09
N VAL C 320 9.41 1.20 0.82
CA VAL C 320 10.77 0.97 0.36
C VAL C 320 10.94 -0.44 -0.18
N SER D 26 -6.50 50.00 -2.67
CA SER D 26 -5.61 50.15 -1.54
C SER D 26 -6.02 49.23 -0.39
N PHE D 27 -5.25 48.17 -0.16
CA PHE D 27 -5.54 47.23 0.90
C PHE D 27 -4.24 46.68 1.47
N GLN D 28 -4.33 46.12 2.67
CA GLN D 28 -3.22 45.47 3.34
C GLN D 28 -3.68 44.12 3.88
N VAL D 29 -2.71 43.26 4.18
CA VAL D 29 -2.99 41.93 4.70
C VAL D 29 -3.22 42.03 6.21
N VAL D 30 -4.30 41.44 6.68
CA VAL D 30 -4.64 41.45 8.11
C VAL D 30 -5.08 40.05 8.51
N GLU D 31 -4.51 39.53 9.59
CA GLU D 31 -4.81 38.20 10.09
C GLU D 31 -5.56 38.29 11.41
N CYS D 32 -6.46 37.33 11.62
CA CYS D 32 -7.25 37.24 12.85
C CYS D 32 -7.00 35.89 13.51
N LYS D 33 -6.74 35.91 14.80
CA LYS D 33 -6.55 34.68 15.57
C LYS D 33 -7.88 34.20 16.11
N THR D 34 -8.09 32.88 16.04
CA THR D 34 -9.26 32.25 16.63
C THR D 34 -8.92 31.71 18.01
N ILE D 35 -9.95 31.32 18.76
CA ILE D 35 -9.72 30.87 20.13
C ILE D 35 -9.02 29.52 20.17
N ASP D 36 -9.03 28.75 19.08
CA ASP D 36 -8.31 27.49 19.03
C ASP D 36 -6.98 27.61 18.30
N GLY D 37 -6.52 28.83 18.02
CA GLY D 37 -5.19 29.06 17.49
C GLY D 37 -5.09 29.16 15.99
N ILE D 38 -6.17 28.97 15.26
CA ILE D 38 -6.14 29.03 13.80
C ILE D 38 -6.08 30.49 13.36
N ILE D 39 -5.32 30.75 12.30
CA ILE D 39 -5.14 32.10 11.79
C ILE D 39 -5.99 32.28 10.55
N ILE D 40 -6.96 33.19 10.61
CA ILE D 40 -7.77 33.55 9.45
C ILE D 40 -7.08 34.69 8.72
N ARG D 41 -6.92 34.54 7.41
CA ARG D 41 -6.21 35.51 6.58
C ARG D 41 -7.17 36.20 5.62
N GLY D 42 -6.96 37.50 5.41
CA GLY D 42 -7.81 38.25 4.52
C GLY D 42 -7.23 39.62 4.22
N ARG D 43 -7.95 40.36 3.39
CA ARG D 43 -7.56 41.71 2.99
C ARG D 43 -8.36 42.75 3.77
N PHE D 44 -7.68 43.82 4.16
CA PHE D 44 -8.31 44.93 4.88
C PHE D 44 -8.15 46.20 4.06
N TYR D 45 -9.27 46.81 3.66
CA TYR D 45 -9.29 48.05 2.92
C TYR D 45 -9.58 49.17 3.92
N ALA D 46 -8.52 49.82 4.41
CA ALA D 46 -8.66 50.81 5.46
C ALA D 46 -9.14 52.14 4.90
N VAL D 47 -9.70 52.95 5.80
CA VAL D 47 -10.06 54.34 5.50
C VAL D 47 -9.29 55.24 6.46
N ASP D 48 -9.15 56.50 6.06
CA ASP D 48 -8.44 57.46 6.89
C ASP D 48 -9.27 57.83 8.12
N GLY D 49 -8.59 58.05 9.23
CA GLY D 49 -9.27 58.44 10.44
C GLY D 49 -9.93 57.26 11.11
N LYS D 50 -11.20 57.43 11.50
CA LYS D 50 -11.96 56.42 12.21
C LYS D 50 -13.34 56.31 11.59
N GLY D 51 -13.74 55.10 11.23
CA GLY D 51 -15.01 54.88 10.59
C GLY D 51 -15.56 53.49 10.78
N PRO D 52 -16.76 53.25 10.25
CA PRO D 52 -17.38 51.92 10.36
C PRO D 52 -16.60 50.87 9.58
N ALA D 53 -16.90 49.61 9.89
CA ALA D 53 -16.24 48.47 9.28
C ALA D 53 -17.26 47.49 8.73
N ILE D 54 -16.94 46.88 7.59
CA ILE D 54 -17.78 45.88 6.94
C ILE D 54 -16.95 44.63 6.75
N ILE D 55 -17.38 43.53 7.34
CA ILE D 55 -16.70 42.24 7.23
C ILE D 55 -17.47 41.38 6.26
N MET D 56 -16.82 40.98 5.16
CA MET D 56 -17.46 40.26 4.07
C MET D 56 -17.05 38.80 4.11
N THR D 57 -18.05 37.90 4.18
CA THR D 57 -17.81 36.46 4.16
C THR D 57 -18.15 35.90 2.79
N PRO D 58 -17.22 35.19 2.14
CA PRO D 58 -17.50 34.67 0.80
C PRO D 58 -18.48 33.51 0.79
N GLY D 59 -18.83 33.04 -0.41
CA GLY D 59 -19.78 31.96 -0.56
C GLY D 59 -19.16 30.60 -0.29
N PHE D 60 -19.92 29.56 -0.65
CA PHE D 60 -19.55 28.17 -0.37
C PHE D 60 -18.23 27.80 -1.04
N ASN D 61 -17.18 27.64 -0.22
CA ASN D 61 -15.84 27.27 -0.66
C ASN D 61 -15.21 28.33 -1.57
N CYS D 62 -15.69 29.56 -1.51
CA CYS D 62 -15.14 30.63 -2.33
C CYS D 62 -14.01 31.33 -1.59
N VAL D 63 -13.05 31.85 -2.35
CA VAL D 63 -11.94 32.59 -1.79
C VAL D 63 -12.25 34.08 -1.85
N LYS D 64 -11.52 34.86 -1.04
CA LYS D 64 -11.80 36.28 -0.90
C LYS D 64 -11.54 37.06 -2.19
N GLU D 65 -10.69 36.55 -3.07
CA GLU D 65 -10.35 37.25 -4.30
C GLU D 65 -11.46 37.20 -5.34
N MET D 66 -12.50 36.41 -5.12
CA MET D 66 -13.54 36.19 -6.12
C MET D 66 -14.58 37.29 -6.00
N LEU D 67 -14.46 38.31 -6.87
CA LEU D 67 -15.50 39.30 -7.11
C LEU D 67 -15.66 40.28 -5.95
N LEU D 68 -15.47 39.81 -4.71
CA LEU D 68 -15.61 40.70 -3.56
C LEU D 68 -14.62 41.87 -3.55
N PRO D 69 -13.38 41.75 -4.03
CA PRO D 69 -12.50 42.93 -4.03
C PRO D 69 -13.07 44.14 -4.76
N ASP D 70 -13.89 43.92 -5.80
CA ASP D 70 -14.52 45.06 -6.48
C ASP D 70 -15.49 45.77 -5.55
N ILE D 71 -16.27 45.01 -4.77
CA ILE D 71 -17.24 45.62 -3.88
C ILE D 71 -16.54 46.32 -2.71
N ALA D 72 -15.45 45.74 -2.23
CA ALA D 72 -14.71 46.35 -1.13
C ALA D 72 -14.15 47.71 -1.51
N GLU D 73 -13.66 47.83 -2.75
CA GLU D 73 -13.13 49.12 -3.22
C GLU D 73 -14.22 50.19 -3.19
N THR D 74 -15.44 49.84 -3.60
CA THR D 74 -16.55 50.79 -3.53
C THR D 74 -16.89 51.11 -2.08
N PHE D 75 -16.98 50.08 -1.23
CA PHE D 75 -17.18 50.30 0.20
C PHE D 75 -16.10 51.22 0.77
N GLN D 76 -14.85 50.98 0.40
CA GLN D 76 -13.74 51.76 0.95
C GLN D 76 -13.83 53.23 0.52
N SER D 77 -14.14 53.47 -0.75
CA SER D 77 -14.21 54.84 -1.25
C SER D 77 -15.38 55.60 -0.63
N GLN D 78 -16.35 54.92 -0.03
CA GLN D 78 -17.48 55.56 0.61
C GLN D 78 -17.32 55.66 2.12
N GLY D 79 -16.11 55.45 2.64
CA GLY D 79 -15.84 55.64 4.05
C GLY D 79 -15.97 54.42 4.93
N PHE D 80 -16.01 53.22 4.35
CA PHE D 80 -16.17 51.99 5.10
C PHE D 80 -14.87 51.20 5.08
N ASN D 81 -14.30 50.96 6.26
CA ASN D 81 -13.29 49.91 6.38
C ASN D 81 -13.92 48.59 5.97
N THR D 82 -13.22 47.83 5.14
CA THR D 82 -13.77 46.59 4.60
C THR D 82 -12.75 45.47 4.71
N TYR D 83 -13.20 44.33 5.24
CA TYR D 83 -12.36 43.16 5.47
C TYR D 83 -12.97 41.98 4.73
N ILE D 84 -12.29 41.53 3.68
CA ILE D 84 -12.61 40.27 3.01
C ILE D 84 -11.61 39.23 3.48
N TYR D 85 -12.11 38.03 3.80
CA TYR D 85 -11.27 37.00 4.38
C TYR D 85 -11.64 35.65 3.80
N ASP D 86 -10.65 34.75 3.79
CA ASP D 86 -10.89 33.35 3.45
C ASP D 86 -11.33 32.60 4.69
N PRO D 87 -12.48 31.93 4.69
CA PRO D 87 -12.90 31.19 5.88
C PRO D 87 -11.92 30.07 6.23
N ARG D 88 -12.15 29.49 7.41
CA ARG D 88 -11.30 28.43 7.93
C ARG D 88 -11.15 27.30 6.91
N SER D 89 -9.91 26.85 6.72
CA SER D 89 -9.54 25.75 5.84
C SER D 89 -9.74 26.07 4.36
N ILE D 90 -9.81 27.35 4.00
CA ILE D 90 -10.03 27.77 2.63
C ILE D 90 -8.98 28.82 2.27
N GLY D 91 -8.40 28.70 1.08
CA GLY D 91 -7.50 29.72 0.58
C GLY D 91 -6.26 29.85 1.45
N ASP D 92 -5.98 31.08 1.88
CA ASP D 92 -4.79 31.38 2.66
C ASP D 92 -4.92 31.06 4.14
N SER D 93 -6.13 30.82 4.63
CA SER D 93 -6.36 30.70 6.06
C SER D 93 -6.00 29.31 6.57
N ASP D 94 -5.67 29.25 7.86
CA ASP D 94 -5.43 27.98 8.52
C ASP D 94 -6.72 27.16 8.59
N GLY D 95 -6.57 25.88 8.93
CA GLY D 95 -7.72 25.02 9.07
C GLY D 95 -7.51 23.63 8.48
N SER D 96 -7.46 22.61 9.34
CA SER D 96 -7.33 21.24 8.93
C SER D 96 -8.48 20.40 9.46
N PRO D 97 -9.03 19.47 8.67
CA PRO D 97 -8.66 19.21 7.27
C PRO D 97 -9.12 20.34 6.34
N LYS D 98 -8.61 20.36 5.11
CA LYS D 98 -8.74 21.53 4.25
C LYS D 98 -10.01 21.47 3.40
N ASN D 99 -10.69 22.61 3.31
CA ASN D 99 -11.94 22.75 2.54
C ASN D 99 -13.08 21.94 3.16
N LEU D 100 -13.09 21.85 4.49
CA LEU D 100 -14.22 21.28 5.23
C LEU D 100 -15.09 22.45 5.67
N ILE D 101 -16.19 22.68 4.94
CA ILE D 101 -17.07 23.81 5.18
C ILE D 101 -17.88 23.50 6.44
N ASP D 102 -17.48 24.08 7.57
CA ASP D 102 -18.24 23.98 8.81
C ASP D 102 -18.93 25.32 9.05
N PRO D 103 -20.21 25.47 8.66
CA PRO D 103 -20.85 26.79 8.79
C PRO D 103 -20.94 27.28 10.23
N LEU D 104 -21.20 26.38 11.17
CA LEU D 104 -21.27 26.78 12.57
C LEU D 104 -19.90 27.21 13.09
N GLN D 105 -18.82 26.61 12.58
CA GLN D 105 -17.48 27.05 12.97
C GLN D 105 -17.13 28.38 12.32
N GLN D 106 -17.55 28.59 11.08
CA GLN D 106 -17.36 29.89 10.45
C GLN D 106 -18.12 30.98 11.18
N ALA D 107 -19.30 30.65 11.74
CA ALA D 107 -20.06 31.63 12.50
C ALA D 107 -19.33 32.02 13.77
N GLU D 108 -18.79 31.03 14.50
CA GLU D 108 -18.00 31.34 15.69
C GLU D 108 -16.71 32.06 15.31
N ASP D 109 -16.12 31.70 14.18
CA ASP D 109 -14.91 32.39 13.72
C ASP D 109 -15.18 33.88 13.50
N LEU D 110 -16.38 34.22 13.03
CA LEU D 110 -16.70 35.62 12.78
C LEU D 110 -16.67 36.45 14.06
N ALA D 111 -17.05 35.86 15.19
CA ALA D 111 -16.93 36.56 16.47
C ALA D 111 -15.49 36.91 16.78
N ASP D 112 -14.58 35.96 16.56
CA ASP D 112 -13.15 36.24 16.75
C ASP D 112 -12.63 37.23 15.72
N ILE D 113 -13.17 37.18 14.49
CA ILE D 113 -12.77 38.15 13.47
C ILE D 113 -13.24 39.55 13.86
N VAL D 114 -14.50 39.65 14.33
CA VAL D 114 -15.02 40.93 14.78
C VAL D 114 -14.15 41.52 15.89
N THR D 115 -13.68 40.65 16.80
CA THR D 115 -12.84 41.12 17.90
C THR D 115 -11.57 41.79 17.39
N HIS D 116 -10.90 41.16 16.42
CA HIS D 116 -9.64 41.70 15.94
C HIS D 116 -9.83 42.93 15.06
N ILE D 117 -10.84 42.92 14.18
CA ILE D 117 -11.09 44.07 13.32
C ILE D 117 -11.52 45.27 14.16
N SER D 118 -12.29 45.02 15.22
CA SER D 118 -12.70 46.12 16.10
C SER D 118 -11.52 46.74 16.84
N SER D 119 -10.41 46.02 16.97
CA SER D 119 -9.24 46.57 17.63
C SER D 119 -8.37 47.41 16.71
N LEU D 120 -8.66 47.43 15.41
CA LEU D 120 -7.82 48.15 14.47
C LEU D 120 -7.99 49.66 14.66
N PRO D 121 -6.93 50.43 14.41
CA PRO D 121 -6.98 51.87 14.74
C PRO D 121 -8.02 52.66 13.95
N SER D 122 -8.26 52.29 12.70
CA SER D 122 -9.19 53.03 11.85
C SER D 122 -10.64 52.60 12.01
N VAL D 123 -10.90 51.58 12.82
CA VAL D 123 -12.24 50.98 12.91
C VAL D 123 -12.96 51.54 14.13
N ASP D 124 -14.20 51.99 13.91
CA ASP D 124 -15.09 52.33 15.01
C ASP D 124 -15.77 51.05 15.48
N SER D 125 -15.37 50.56 16.66
CA SER D 125 -15.90 49.29 17.16
C SER D 125 -17.38 49.34 17.48
N SER D 126 -18.01 50.51 17.41
CA SER D 126 -19.44 50.65 17.60
C SER D 126 -20.22 50.64 16.30
N LYS D 127 -19.54 50.44 15.16
CA LYS D 127 -20.18 50.47 13.85
C LYS D 127 -19.74 49.26 13.03
N ILE D 128 -20.00 48.06 13.55
CA ILE D 128 -19.60 46.81 12.91
C ILE D 128 -20.79 46.24 12.14
N THR D 129 -20.58 45.93 10.86
CA THR D 129 -21.60 45.35 10.01
C THR D 129 -21.08 44.05 9.42
N LEU D 130 -21.91 43.01 9.44
CA LEU D 130 -21.57 41.73 8.84
C LEU D 130 -22.20 41.64 7.44
N TRP D 131 -21.39 41.25 6.46
CA TRP D 131 -21.79 41.16 5.07
C TRP D 131 -21.48 39.76 4.56
N GLY D 132 -22.44 39.15 3.87
CA GLY D 132 -22.23 37.81 3.36
C GLY D 132 -22.97 37.53 2.07
N MET D 133 -22.33 36.82 1.15
CA MET D 133 -22.94 36.45 -0.11
C MET D 133 -23.14 34.94 -0.16
N SER D 134 -24.36 34.53 -0.55
CA SER D 134 -24.70 33.12 -0.77
C SER D 134 -24.52 32.37 0.53
N PHE D 135 -23.72 31.30 0.57
CA PHE D 135 -23.48 30.57 1.82
C PHE D 135 -22.96 31.48 2.92
N GLY D 136 -22.12 32.45 2.55
CA GLY D 136 -21.59 33.38 3.53
C GLY D 136 -22.64 34.29 4.13
N GLY D 137 -23.72 34.55 3.39
CA GLY D 137 -24.80 35.36 3.93
C GLY D 137 -25.51 34.67 5.09
N THR D 138 -25.79 33.37 4.93
CA THR D 138 -26.43 32.62 6.01
C THR D 138 -25.48 32.44 7.19
N VAL D 139 -24.19 32.29 6.92
CA VAL D 139 -23.21 32.19 8.00
C VAL D 139 -23.13 33.50 8.79
N SER D 140 -23.15 34.63 8.08
CA SER D 140 -23.11 35.92 8.75
C SER D 140 -24.29 36.10 9.68
N ALA D 141 -25.49 35.67 9.26
CA ALA D 141 -26.67 35.81 10.09
C ALA D 141 -26.54 35.00 11.38
N CYS D 142 -25.95 33.81 11.29
CA CYS D 142 -25.75 33.00 12.50
C CYS D 142 -24.79 33.66 13.46
N ALA D 143 -23.80 34.41 12.95
CA ALA D 143 -22.89 35.13 13.83
C ALA D 143 -23.58 36.35 14.44
N ALA D 144 -24.45 37.01 13.68
CA ALA D 144 -25.18 38.17 14.19
C ALA D 144 -26.18 37.79 15.27
N ALA D 145 -26.63 36.54 15.30
CA ALA D 145 -27.61 36.12 16.29
C ALA D 145 -27.05 36.16 17.71
N VAL D 146 -25.74 35.97 17.86
CA VAL D 146 -25.12 35.89 19.18
C VAL D 146 -24.24 37.09 19.50
N ASP D 147 -23.92 37.92 18.52
CA ASP D 147 -22.98 39.02 18.70
C ASP D 147 -23.71 40.34 18.56
N ARG D 148 -23.99 41.00 19.68
CA ARG D 148 -24.63 42.31 19.65
C ARG D 148 -23.68 43.40 19.18
N ARG D 149 -22.38 43.10 19.04
CA ARG D 149 -21.48 44.05 18.37
C ARG D 149 -21.83 44.21 16.91
N VAL D 150 -22.54 43.26 16.32
CA VAL D 150 -22.97 43.33 14.94
C VAL D 150 -24.21 44.23 14.87
N LYS D 151 -24.04 45.42 14.30
CA LYS D 151 -25.09 46.42 14.26
C LYS D 151 -25.95 46.35 13.00
N ALA D 152 -25.51 45.61 11.98
CA ALA D 152 -26.30 45.45 10.77
C ALA D 152 -25.87 44.18 10.06
N LEU D 153 -26.76 43.68 9.20
CA LEU D 153 -26.55 42.41 8.51
C LEU D 153 -27.00 42.56 7.07
N VAL D 154 -26.12 42.22 6.13
CA VAL D 154 -26.43 42.25 4.71
C VAL D 154 -26.26 40.84 4.16
N MET D 155 -27.36 40.23 3.75
CA MET D 155 -27.37 38.89 3.18
C MET D 155 -27.66 38.99 1.69
N VAL D 156 -26.72 38.52 0.87
CA VAL D 156 -26.88 38.49 -0.57
C VAL D 156 -27.14 37.05 -0.99
N CYS D 157 -28.28 36.81 -1.65
CA CYS D 157 -28.73 35.50 -2.10
C CYS D 157 -28.44 34.39 -1.09
N PRO D 158 -28.93 34.49 0.14
CA PRO D 158 -28.60 33.47 1.14
C PRO D 158 -29.24 32.13 0.81
N ILE D 159 -28.49 31.06 1.02
CA ILE D 159 -28.97 29.70 0.83
C ILE D 159 -29.34 29.13 2.20
N LEU D 160 -30.56 28.61 2.30
CA LEU D 160 -31.12 28.19 3.59
C LEU D 160 -31.48 26.71 3.65
N SER D 161 -31.28 25.96 2.57
CA SER D 161 -31.49 24.53 2.56
C SER D 161 -30.41 23.88 1.71
N PHE D 162 -30.23 22.57 1.89
CA PHE D 162 -29.10 21.89 1.26
C PHE D 162 -29.44 20.48 0.80
N TYR D 163 -30.15 19.72 1.63
CA TYR D 163 -30.39 18.31 1.37
C TYR D 163 -31.67 18.13 0.57
N GLN D 164 -31.58 17.39 -0.53
CA GLN D 164 -32.75 16.83 -1.18
C GLN D 164 -33.11 15.53 -0.48
N ALA D 165 -34.37 15.42 -0.04
CA ALA D 165 -34.76 14.32 0.85
C ALA D 165 -34.51 12.96 0.22
N GLU D 166 -34.62 12.85 -1.11
CA GLU D 166 -34.42 11.56 -1.77
C GLU D 166 -32.96 11.12 -1.74
N LYS D 167 -32.03 12.06 -1.65
CA LYS D 167 -30.60 11.75 -1.63
C LYS D 167 -30.05 11.61 -0.22
N ARG D 168 -30.88 11.76 0.81
CA ARG D 168 -30.38 11.89 2.18
C ARG D 168 -29.71 10.61 2.65
N ASP D 169 -30.41 9.47 2.56
CA ASP D 169 -29.90 8.24 3.16
C ASP D 169 -28.62 7.77 2.47
N LYS D 170 -28.52 7.96 1.15
CA LYS D 170 -27.31 7.55 0.45
C LYS D 170 -26.13 8.45 0.84
N ALA D 171 -26.36 9.76 0.94
CA ALA D 171 -25.28 10.66 1.34
C ALA D 171 -24.84 10.39 2.77
N PHE D 172 -25.78 10.11 3.66
CA PHE D 172 -25.43 9.77 5.04
C PHE D 172 -24.57 8.51 5.08
N LEU D 173 -24.92 7.51 4.27
CA LEU D 173 -24.15 6.27 4.23
C LEU D 173 -22.75 6.52 3.68
N GLN D 174 -22.64 7.40 2.68
CA GLN D 174 -21.33 7.77 2.15
C GLN D 174 -20.48 8.45 3.22
N LEU D 175 -21.12 9.24 4.09
CA LEU D 175 -20.39 9.92 5.15
C LEU D 175 -19.84 8.92 6.18
N ILE D 176 -20.68 7.96 6.60
CA ILE D 176 -20.23 6.96 7.55
C ILE D 176 -19.10 6.14 6.97
N ARG D 177 -19.17 5.83 5.67
CA ARG D 177 -18.11 5.07 5.03
C ARG D 177 -16.83 5.88 4.92
N ASP D 178 -16.93 7.20 4.75
CA ASP D 178 -15.74 8.03 4.82
C ASP D 178 -15.13 8.01 6.21
N ARG D 179 -15.98 8.06 7.25
CA ARG D 179 -15.49 7.92 8.62
C ARG D 179 -14.74 6.61 8.80
N GLN D 180 -15.33 5.50 8.33
CA GLN D 180 -14.67 4.21 8.43
C GLN D 180 -13.34 4.22 7.68
N SER D 181 -13.32 4.83 6.49
CA SER D 181 -12.08 4.91 5.73
C SER D 181 -11.03 5.74 6.45
N GLN D 182 -11.45 6.84 7.08
CA GLN D 182 -10.51 7.66 7.84
C GLN D 182 -9.97 6.90 9.05
N LEU D 183 -10.83 6.14 9.72
CA LEU D 183 -10.40 5.34 10.85
C LEU D 183 -9.43 4.23 10.44
N ARG D 184 -9.44 3.85 9.16
CA ARG D 184 -8.45 2.91 8.65
C ARG D 184 -7.09 3.56 8.42
N GLY D 185 -7.01 4.89 8.43
CA GLY D 185 -5.77 5.59 8.19
C GLY D 185 -5.74 6.43 6.94
N ASN D 186 -6.84 6.53 6.19
CA ASN D 186 -6.87 7.31 4.97
C ASN D 186 -7.27 8.75 5.24
N GLU D 187 -6.72 9.66 4.46
CA GLU D 187 -7.10 11.06 4.54
C GLU D 187 -8.57 11.22 4.14
N PRO D 188 -9.22 12.30 4.60
CA PRO D 188 -10.64 12.48 4.27
C PRO D 188 -10.89 12.47 2.77
N PHE D 189 -12.04 11.93 2.40
CA PHE D 189 -12.42 11.87 0.99
C PHE D 189 -12.71 13.28 0.47
N MET D 190 -12.16 13.59 -0.69
CA MET D 190 -12.34 14.90 -1.33
C MET D 190 -13.13 14.73 -2.62
N LEU D 191 -13.87 15.78 -2.98
CA LEU D 191 -14.68 15.77 -4.19
C LEU D 191 -15.01 17.22 -4.55
N PRO D 192 -15.31 17.49 -5.82
CA PRO D 192 -15.74 18.84 -6.19
C PRO D 192 -17.18 19.07 -5.73
N PRO D 193 -17.51 20.30 -5.34
CA PRO D 193 -18.90 20.57 -4.91
C PRO D 193 -19.91 20.38 -6.02
N PHE D 194 -19.49 20.38 -7.27
CA PHE D 194 -20.38 20.14 -8.41
C PHE D 194 -19.59 19.40 -9.47
N ASN D 195 -20.06 18.23 -9.87
CA ASN D 195 -19.38 17.45 -10.91
C ASN D 195 -19.81 17.97 -12.28
N SER D 196 -19.36 17.28 -13.34
CA SER D 196 -19.66 17.75 -14.70
C SER D 196 -21.16 17.75 -14.98
N LYS D 197 -21.93 16.91 -14.29
CA LYS D 197 -23.38 16.94 -14.39
C LYS D 197 -24.00 18.00 -13.50
N GLY D 198 -23.19 18.80 -12.81
CA GLY D 198 -23.72 19.84 -11.94
C GLY D 198 -24.36 19.33 -10.66
N GLU D 199 -24.13 18.08 -10.30
CA GLU D 199 -24.76 17.49 -9.12
C GLU D 199 -23.72 17.26 -8.03
N ASN D 200 -24.23 16.95 -6.84
CA ASN D 200 -23.43 16.64 -5.66
C ASN D 200 -24.18 15.61 -4.84
N PRO D 201 -23.49 14.91 -3.94
CA PRO D 201 -24.14 13.79 -3.24
C PRO D 201 -25.42 14.14 -2.47
N ILE D 202 -25.59 15.38 -2.03
CA ILE D 202 -26.76 15.75 -1.23
C ILE D 202 -27.76 16.57 -2.01
N GLY D 203 -27.46 16.99 -3.23
CA GLY D 203 -28.41 17.75 -4.02
C GLY D 203 -28.54 19.20 -3.62
N MET D 204 -27.43 19.87 -3.35
CA MET D 204 -27.43 21.24 -2.85
C MET D 204 -27.23 22.24 -3.98
N ALA D 205 -27.70 23.46 -3.74
CA ALA D 205 -27.41 24.62 -4.59
C ALA D 205 -27.78 24.37 -6.05
N GLY D 206 -29.00 23.86 -6.25
CA GLY D 206 -29.46 23.59 -7.60
C GLY D 206 -28.86 22.38 -8.26
N SER D 207 -28.33 21.44 -7.48
CA SER D 207 -27.76 20.23 -8.05
C SER D 207 -28.82 19.46 -8.83
N GLY D 208 -28.50 19.10 -10.06
CA GLY D 208 -29.46 18.45 -10.93
C GLY D 208 -30.33 19.37 -11.74
N GLY D 209 -29.93 20.63 -11.89
CA GLY D 209 -30.70 21.59 -12.65
C GLY D 209 -29.83 22.66 -13.26
N PRO D 210 -30.45 23.75 -13.73
CA PRO D 210 -29.66 24.85 -14.32
C PRO D 210 -28.68 25.46 -13.34
N GLY D 211 -29.01 25.54 -12.06
CA GLY D 211 -28.10 26.12 -11.10
C GLY D 211 -26.85 25.29 -10.87
N GLY D 212 -27.02 23.97 -10.76
CA GLY D 212 -25.87 23.11 -10.56
C GLY D 212 -24.90 23.12 -11.73
N ILE D 213 -25.44 23.13 -12.95
CA ILE D 213 -24.58 23.24 -14.14
C ILE D 213 -23.93 24.61 -14.18
N GLU D 214 -24.68 25.67 -13.85
CA GLU D 214 -24.11 27.01 -13.81
C GLU D 214 -22.98 27.10 -12.79
N ALA D 215 -23.19 26.51 -11.60
CA ALA D 215 -22.16 26.55 -10.57
C ALA D 215 -20.96 25.69 -10.94
N TYR D 216 -21.17 24.62 -11.70
CA TYR D 216 -20.04 23.78 -12.12
C TYR D 216 -19.10 24.54 -13.04
N GLY D 217 -19.66 25.24 -14.03
CA GLY D 217 -18.82 26.02 -14.94
C GLY D 217 -18.14 27.17 -14.26
N PHE D 218 -18.82 27.82 -13.31
CA PHE D 218 -18.23 28.94 -12.59
C PHE D 218 -17.08 28.49 -11.71
N MET D 219 -17.25 27.36 -11.01
CA MET D 219 -16.17 26.83 -10.18
C MET D 219 -15.01 26.29 -11.00
N GLY D 220 -15.23 25.95 -12.25
CA GLY D 220 -14.17 25.43 -13.11
C GLY D 220 -13.82 26.36 -14.26
N ALA D 227 -5.73 34.20 -7.29
CA ALA D 227 -5.79 33.47 -6.04
C ALA D 227 -5.22 32.07 -6.21
N PRO D 228 -3.92 31.90 -5.97
CA PRO D 228 -3.30 30.59 -6.19
C PRO D 228 -3.74 29.52 -5.19
N ASN D 229 -4.36 29.90 -4.08
CA ASN D 229 -4.77 28.95 -3.06
C ASN D 229 -6.23 28.53 -3.19
N PHE D 230 -6.91 28.93 -4.25
CA PHE D 230 -8.26 28.44 -4.50
C PHE D 230 -8.21 26.99 -4.96
N ARG D 231 -9.09 26.16 -4.37
CA ARG D 231 -9.10 24.72 -4.62
C ARG D 231 -10.54 24.29 -4.87
N ASN D 232 -10.83 23.83 -6.10
CA ASN D 232 -12.17 23.38 -6.47
C ASN D 232 -12.45 21.99 -5.90
N LYS D 233 -12.39 21.92 -4.57
CA LYS D 233 -12.49 20.65 -3.86
C LYS D 233 -12.99 20.92 -2.45
N ILE D 234 -13.83 20.02 -1.94
CA ILE D 234 -14.29 20.08 -0.56
C ILE D 234 -14.23 18.66 0.02
N ALA D 235 -14.05 18.59 1.33
CA ALA D 235 -14.13 17.30 2.01
C ALA D 235 -15.58 16.86 2.10
N LEU D 236 -15.81 15.55 1.96
CA LEU D 236 -17.17 15.03 2.01
C LEU D 236 -17.81 15.30 3.36
N GLN D 237 -17.02 15.29 4.44
CA GLN D 237 -17.55 15.53 5.78
C GLN D 237 -18.18 16.91 5.93
N THR D 238 -17.98 17.80 4.95
CA THR D 238 -18.77 19.03 4.89
C THR D 238 -20.25 18.73 4.99
N TYR D 239 -20.72 17.70 4.27
CA TYR D 239 -22.13 17.35 4.26
C TYR D 239 -22.61 16.90 5.64
N GLN D 240 -21.73 16.35 6.46
CA GLN D 240 -22.10 16.03 7.83
C GLN D 240 -22.39 17.30 8.62
N LYS D 241 -21.54 18.32 8.47
CA LYS D 241 -21.80 19.60 9.13
C LYS D 241 -23.10 20.22 8.65
N LEU D 242 -23.37 20.12 7.34
CA LEU D 242 -24.58 20.74 6.80
C LEU D 242 -25.83 19.99 7.23
N ALA D 243 -25.72 18.68 7.50
CA ALA D 243 -26.87 17.93 7.97
C ALA D 243 -27.32 18.41 9.34
N TRP D 244 -26.37 18.72 10.23
CA TRP D 244 -26.73 19.27 11.53
C TRP D 244 -27.33 20.67 11.41
N TRP D 245 -26.86 21.45 10.45
CA TRP D 245 -27.18 22.87 10.39
C TRP D 245 -28.67 23.10 10.15
N GLN D 246 -29.29 23.89 11.02
CA GLN D 246 -30.67 24.35 10.87
C GLN D 246 -30.67 25.88 10.86
N PRO D 247 -30.22 26.49 9.77
CA PRO D 247 -30.08 27.96 9.77
C PRO D 247 -31.41 28.69 9.85
N LYS D 248 -32.48 28.13 9.28
CA LYS D 248 -33.79 28.78 9.38
C LYS D 248 -34.21 28.94 10.84
N GLU D 249 -33.83 27.99 11.70
CA GLU D 249 -34.12 28.13 13.12
C GLU D 249 -33.24 29.20 13.77
N ILE D 250 -31.95 29.20 13.44
CA ILE D 250 -31.03 30.18 14.02
C ILE D 250 -31.41 31.59 13.56
N LEU D 251 -31.89 31.72 12.33
CA LEU D 251 -32.28 33.03 11.82
C LEU D 251 -33.44 33.64 12.60
N LYS D 252 -34.24 32.81 13.27
CA LYS D 252 -35.29 33.33 14.13
C LYS D 252 -34.74 34.04 15.36
N LEU D 253 -33.48 33.78 15.72
CA LEU D 253 -32.87 34.48 16.85
C LEU D 253 -32.47 35.91 16.50
N VAL D 254 -32.25 36.19 15.22
CA VAL D 254 -31.90 37.54 14.78
C VAL D 254 -33.15 38.40 14.73
N ASP D 255 -33.55 38.95 15.88
CA ASP D 255 -34.77 39.74 15.98
C ASP D 255 -34.50 41.19 16.36
N LYS D 256 -33.24 41.63 16.34
CA LYS D 256 -32.91 43.01 16.70
C LYS D 256 -31.96 43.63 15.69
N THR D 257 -31.15 42.81 15.03
CA THR D 257 -30.15 43.32 14.11
C THR D 257 -30.80 43.78 12.81
N PRO D 258 -30.65 45.05 12.42
CA PRO D 258 -31.17 45.49 11.13
C PRO D 258 -30.56 44.67 9.98
N VAL D 259 -31.43 44.13 9.14
CA VAL D 259 -31.02 43.18 8.12
C VAL D 259 -31.47 43.67 6.75
N LEU D 260 -30.58 43.55 5.76
CA LEU D 260 -30.88 43.84 4.37
C LEU D 260 -30.63 42.58 3.55
N MET D 261 -31.66 42.13 2.84
CA MET D 261 -31.58 40.92 2.02
C MET D 261 -31.68 41.30 0.55
N VAL D 262 -30.71 40.84 -0.23
CA VAL D 262 -30.71 41.01 -1.69
C VAL D 262 -30.91 39.63 -2.30
N THR D 263 -32.02 39.45 -3.01
CA THR D 263 -32.37 38.17 -3.61
C THR D 263 -32.42 38.29 -5.12
N PRO D 264 -31.75 37.42 -5.86
CA PRO D 264 -31.89 37.43 -7.33
C PRO D 264 -33.25 36.88 -7.72
N GLU D 265 -33.92 37.57 -8.64
CA GLU D 265 -35.26 37.15 -9.05
C GLU D 265 -35.24 35.75 -9.66
N LEU D 266 -34.20 35.43 -10.42
CA LEU D 266 -34.09 34.12 -11.06
C LEU D 266 -32.95 33.32 -10.46
N ASP D 267 -32.96 33.15 -9.13
CA ASP D 267 -31.94 32.39 -8.43
C ASP D 267 -32.20 30.90 -8.62
N THR D 268 -31.33 30.23 -9.38
CA THR D 268 -31.47 28.80 -9.66
C THR D 268 -30.75 27.92 -8.65
N MET D 269 -29.99 28.51 -7.72
CA MET D 269 -29.27 27.73 -6.71
C MET D 269 -29.87 27.86 -5.32
N SER D 270 -30.51 28.99 -5.02
CA SER D 270 -31.26 29.16 -3.77
C SER D 270 -32.64 29.66 -4.13
N PRO D 271 -33.69 28.88 -3.88
CA PRO D 271 -35.05 29.30 -4.29
C PRO D 271 -35.41 30.65 -3.69
N PRO D 272 -35.72 31.64 -4.54
CA PRO D 272 -36.08 32.96 -4.02
C PRO D 272 -37.28 32.95 -3.08
N GLU D 273 -38.17 31.98 -3.23
CA GLU D 273 -39.28 31.86 -2.29
C GLU D 273 -38.79 31.46 -0.90
N GLU D 274 -37.65 30.75 -0.83
CA GLU D 274 -37.07 30.40 0.46
C GLU D 274 -36.43 31.61 1.12
N GLN D 275 -35.78 32.46 0.31
CA GLN D 275 -35.19 33.69 0.85
C GLN D 275 -36.28 34.64 1.33
N LYS D 276 -37.34 34.81 0.53
CA LYS D 276 -38.42 35.70 0.91
C LYS D 276 -39.15 35.20 2.14
N ALA D 277 -39.32 33.88 2.26
CA ALA D 277 -40.01 33.31 3.41
C ALA D 277 -39.28 33.64 4.71
N ALA D 278 -37.96 33.45 4.73
CA ALA D 278 -37.19 33.76 5.93
C ALA D 278 -37.13 35.26 6.18
N PHE D 279 -37.16 36.07 5.13
CA PHE D 279 -37.11 37.52 5.32
C PHE D 279 -38.37 38.04 6.00
N GLU D 280 -39.53 37.50 5.63
CA GLU D 280 -40.79 37.99 6.17
C GLU D 280 -40.90 37.74 7.68
N LEU D 281 -40.15 36.78 8.22
CA LEU D 281 -40.22 36.48 9.64
C LEU D 281 -39.46 37.49 10.49
N PHE D 282 -38.54 38.25 9.91
CA PHE D 282 -37.76 39.23 10.65
C PHE D 282 -38.68 40.30 11.25
N PRO D 283 -38.75 40.45 12.57
CA PRO D 283 -39.59 41.48 13.17
C PRO D 283 -38.93 42.85 13.32
N GLN D 284 -37.62 42.94 13.16
CA GLN D 284 -36.90 44.18 13.41
C GLN D 284 -36.86 45.04 12.14
N THR D 285 -36.09 46.13 12.19
CA THR D 285 -35.91 46.97 11.02
C THR D 285 -35.25 46.17 9.89
N LYS D 286 -35.85 46.22 8.71
CA LYS D 286 -35.37 45.41 7.60
C LYS D 286 -35.70 46.10 6.28
N LYS D 287 -35.15 45.54 5.21
CA LYS D 287 -35.40 46.01 3.85
C LYS D 287 -35.00 44.92 2.87
N PHE D 288 -35.86 44.68 1.89
CA PHE D 288 -35.64 43.65 0.88
C PHE D 288 -35.43 44.29 -0.48
N LEU D 289 -34.54 43.70 -1.27
CA LEU D 289 -34.20 44.23 -2.60
C LEU D 289 -34.09 43.05 -3.57
N GLU D 290 -34.98 43.02 -4.56
CA GLU D 290 -35.01 41.96 -5.56
C GLU D 290 -34.28 42.45 -6.80
N ALA D 291 -33.15 41.81 -7.12
CA ALA D 291 -32.38 42.14 -8.32
C ALA D 291 -33.01 41.43 -9.50
N LYS D 292 -33.83 42.16 -10.26
CA LYS D 292 -34.61 41.57 -11.33
C LYS D 292 -33.71 41.05 -12.44
N GLY D 293 -33.99 39.83 -12.90
CA GLY D 293 -33.25 39.25 -14.00
C GLY D 293 -31.87 38.75 -13.67
N LYS D 294 -31.56 38.58 -12.38
CA LYS D 294 -30.23 38.17 -11.95
C LYS D 294 -30.26 36.74 -11.45
N GLY D 295 -29.10 36.09 -11.53
CA GLY D 295 -28.92 34.74 -11.01
C GLY D 295 -28.17 34.75 -9.68
N HIS D 296 -27.90 33.53 -9.20
CA HIS D 296 -27.19 33.39 -7.93
C HIS D 296 -25.78 33.96 -8.01
N LEU D 297 -25.13 33.86 -9.16
CA LEU D 297 -23.75 34.30 -9.32
C LEU D 297 -23.64 35.67 -9.97
N THR D 298 -24.74 36.26 -10.44
CA THR D 298 -24.71 37.53 -11.14
C THR D 298 -25.55 38.60 -10.46
N VAL D 299 -25.99 38.38 -9.22
CA VAL D 299 -26.83 39.35 -8.53
C VAL D 299 -26.08 40.66 -8.31
N LEU D 300 -24.75 40.59 -8.19
CA LEU D 300 -23.93 41.79 -8.01
C LEU D 300 -23.03 42.03 -9.22
N SER D 301 -23.53 41.73 -10.42
CA SER D 301 -22.79 41.91 -11.65
C SER D 301 -23.70 42.57 -12.68
N GLY D 302 -23.09 43.30 -13.61
CA GLY D 302 -23.82 43.96 -14.68
C GLY D 302 -24.65 45.14 -14.20
N GLY D 304 -27.54 46.34 -13.34
CA GLY D 304 -27.82 47.33 -12.32
C GLY D 304 -27.13 47.02 -11.00
N SER D 305 -25.90 46.53 -11.07
CA SER D 305 -25.17 46.17 -9.86
C SER D 305 -24.73 47.40 -9.08
N VAL D 306 -24.51 48.53 -9.75
CA VAL D 306 -24.12 49.76 -9.06
C VAL D 306 -25.21 50.20 -8.11
N GLU D 307 -26.47 50.10 -8.54
CA GLU D 307 -27.58 50.52 -7.69
C GLU D 307 -27.75 49.60 -6.49
N VAL D 308 -27.44 48.31 -6.65
CA VAL D 308 -27.56 47.38 -5.54
C VAL D 308 -26.51 47.68 -4.47
N VAL D 309 -25.27 47.94 -4.90
CA VAL D 309 -24.20 48.23 -3.95
C VAL D 309 -24.46 49.54 -3.23
N ASP D 310 -24.95 50.55 -3.96
CA ASP D 310 -25.30 51.82 -3.32
C ASP D 310 -26.44 51.63 -2.31
N ALA D 311 -27.34 50.68 -2.56
CA ALA D 311 -28.42 50.42 -1.61
C ALA D 311 -27.90 49.81 -0.32
N MET D 312 -26.78 49.10 -0.38
CA MET D 312 -26.21 48.51 0.82
C MET D 312 -25.59 49.56 1.72
N THR D 313 -24.73 50.42 1.15
CA THR D 313 -24.11 51.48 1.94
C THR D 313 -25.15 52.44 2.50
N GLU D 314 -26.21 52.72 1.73
CA GLU D 314 -27.30 53.54 2.23
C GLU D 314 -27.98 52.88 3.43
N PHE D 315 -28.24 51.58 3.33
CA PHE D 315 -28.84 50.84 4.43
C PHE D 315 -27.91 50.81 5.64
N ILE D 316 -26.62 50.59 5.41
CA ILE D 316 -25.67 50.51 6.52
C ILE D 316 -25.51 51.86 7.18
N ARG D 317 -25.47 52.94 6.39
CA ARG D 317 -25.32 54.27 6.96
C ARG D 317 -26.53 54.63 7.82
N GLU D 318 -27.73 54.20 7.42
CA GLU D 318 -28.94 54.61 8.12
C GLU D 318 -29.07 53.94 9.48
N ASN D 319 -28.76 52.64 9.55
CA ASN D 319 -29.00 51.86 10.76
C ASN D 319 -27.77 51.73 11.65
N VAL D 320 -26.59 52.12 11.17
CA VAL D 320 -25.37 52.01 11.97
C VAL D 320 -24.77 53.40 12.14
N ALA D 321 -25.29 54.16 13.11
CA ALA D 321 -24.85 55.54 13.34
C ALA D 321 -24.11 55.70 14.67
N GLY D 322 -23.75 54.61 15.33
CA GLY D 322 -23.02 54.68 16.57
C GLY D 322 -23.88 55.02 17.78
CL CL E . -4.32 -16.40 -30.72
C1 EDO F . -1.97 5.54 -4.45
O1 EDO F . -3.34 5.68 -4.06
C2 EDO F . -1.79 5.99 -5.89
O2 EDO F . -2.60 5.20 -6.76
C1 EDO G . -2.45 -1.32 1.57
O1 EDO G . -2.80 -2.52 2.28
C2 EDO G . -3.55 -0.28 1.77
O2 EDO G . -3.66 0.06 3.15
C1 EDO H . -3.83 -11.36 3.74
O1 EDO H . -5.12 -10.75 3.79
C2 EDO H . -3.28 -11.51 5.16
O2 EDO H . -1.95 -12.06 5.10
C02 GY0 I . -14.85 -22.51 -16.32
C03 GY0 I . -14.96 -21.68 -17.58
C04 GY0 I . -16.41 -21.21 -17.69
C05 GY0 I . -16.62 -20.01 -16.76
C06 GY0 I . -16.11 -18.78 -17.50
C07 GY0 I . -16.30 -17.57 -17.04
C08 GY0 I . -15.75 -16.40 -17.85
C09 GY0 I . -16.87 -15.55 -18.45
C10 GY0 I . -18.11 -16.38 -18.79
C12 GY0 I . -20.08 -17.53 -20.65
C13 GY0 I . -20.97 -16.28 -20.58
C14 GY0 I . -14.59 -23.98 -16.67
C17 GY0 I . -22.43 -16.68 -20.75
C19 GY0 I . -24.71 -16.09 -20.86
O01 GY0 I . -13.81 -22.02 -15.52
O15 GY0 I . -14.94 -15.61 -17.03
O16 GY0 I . -18.94 -16.58 -17.98
O18 GY0 I . -23.45 -15.82 -20.31
O20 GY0 I . -22.72 -17.72 -21.26
S11 GY0 I . -18.34 -17.05 -20.46
CL CL J . 15.81 -51.39 -19.58
CL CL K . 9.76 -61.58 -15.16
C1 GOL L . 16.60 -28.58 6.23
O1 GOL L . 17.43 -27.77 5.45
C2 GOL L . 16.90 -30.04 5.81
O2 GOL L . 16.35 -30.35 4.57
C3 GOL L . 18.45 -30.14 5.81
O3 GOL L . 18.75 -31.36 5.22
C1 EDO M . 12.97 -59.42 -13.69
O1 EDO M . 12.91 -59.56 -15.11
C2 EDO M . 11.85 -60.22 -13.05
O2 EDO M . 11.97 -61.60 -13.40
C1 EDO N . 19.36 -6.92 -11.25
O1 EDO N . 18.92 -7.31 -12.56
C2 EDO N . 19.43 -5.40 -11.16
O2 EDO N . 19.44 -4.98 -9.80
C1 EDO O . 32.92 6.97 -0.82
O1 EDO O . 31.79 6.15 -0.50
C2 EDO O . 32.60 8.43 -0.51
O2 EDO O . 31.96 9.03 -1.64
C02 GYF P . 15.23 22.79 17.17
C03 GYF P . 14.88 21.59 18.05
C04 GYF P . 15.72 20.40 17.63
C07 GYF P . 14.95 25.11 16.89
O01 GYF P . 15.37 24.07 17.73
O06 GYF P . 15.40 22.64 16.00
S05 GYF P . 15.32 18.96 18.65
CL CL Q . -17.24 28.46 2.71
C1 GOL R . -21.25 30.01 -4.80
O1 GOL R . -21.46 31.36 -4.51
C2 GOL R . -22.29 29.22 -3.97
O2 GOL R . -22.23 29.54 -2.63
C3 GOL R . -21.95 27.74 -4.23
O3 GOL R . -22.85 26.98 -3.48
NA NA S . -11.67 8.58 3.95
#